data_3OQ1
#
_entry.id   3OQ1
#
_cell.length_a   56.303
_cell.length_b   153.398
_cell.length_c   73.593
_cell.angle_alpha   90.00
_cell.angle_beta   92.40
_cell.angle_gamma   90.00
#
_symmetry.space_group_name_H-M   'P 1 21 1'
#
loop_
_entity.id
_entity.type
_entity.pdbx_description
1 polymer 'Corticosteroid 11-beta-dehydrogenase isozyme 1'
2 non-polymer 'NADP NICOTINAMIDE-ADENINE-DINUCLEOTIDE PHOSPHATE'
3 non-polymer 3-(2-fluoroethyl)-4-({4-[(2S)-1,1,1-trifluoro-2-hydroxypropan-2-yl]phenyl}sulfonyl)benzonitrile
4 water water
#
_entity_poly.entity_id   1
_entity_poly.type   'polypeptide(L)'
_entity_poly.pdbx_seq_one_letter_code
;MKHQHQHQHQHQHQQPLNEEFRPEMLQGKKVIVTGASKGIGREMAYHLAKMGAHVVVTARSKETLQKVVSHCLELGAASA
HYIAGTMEDMTFAEQFVAQAGKLMGGLDMLILNHITNTSLNLFHDDIHHVRKSMEVNFLSYVVLTVAALPMLKQSNGSIV
VVSSLAGKVAYPMVAAYSASKFALDGFFSSIRKEYSVSRVNVSITLCVLGLIDTETAMKAVSGIVHMQAAPKEECALEII
KGGALRQEEVYYDSSLWTTLLIRNPSRKILEFLYSTSYNMDRFINK
;
_entity_poly.pdbx_strand_id   A,B,C,D
#
loop_
_chem_comp.id
_chem_comp.type
_chem_comp.name
_chem_comp.formula
3OQ non-polymer 3-(2-fluoroethyl)-4-({4-[(2S)-1,1,1-trifluoro-2-hydroxypropan-2-yl]phenyl}sulfonyl)benzonitrile 'C18 H15 F4 N O3 S'
NAP non-polymer 'NADP NICOTINAMIDE-ADENINE-DINUCLEOTIDE PHOSPHATE' 'C21 H28 N7 O17 P3'
#
# COMPACT_ATOMS: atom_id res chain seq x y z
N GLN A 15 -16.70 14.97 0.46
CA GLN A 15 -16.97 14.86 1.92
C GLN A 15 -17.75 13.58 2.26
N PRO A 16 -17.34 12.86 3.32
CA PRO A 16 -18.04 11.61 3.67
C PRO A 16 -19.39 11.84 4.38
N LEU A 17 -19.97 10.75 4.91
CA LEU A 17 -21.07 10.78 5.88
C LEU A 17 -21.13 9.45 6.65
N ASN A 18 -20.78 9.49 7.93
CA ASN A 18 -20.84 8.32 8.83
C ASN A 18 -22.26 7.86 9.19
N GLU A 19 -23.26 8.47 8.55
CA GLU A 19 -24.66 8.12 8.73
C GLU A 19 -24.95 6.68 8.27
N GLU A 20 -26.19 6.26 8.41
CA GLU A 20 -26.57 4.93 7.96
C GLU A 20 -27.78 4.95 7.04
N PHE A 21 -27.82 3.98 6.12
CA PHE A 21 -28.80 3.98 5.05
C PHE A 21 -30.17 3.45 5.45
N ARG A 22 -31.17 4.33 5.36
CA ARG A 22 -32.55 3.90 5.42
C ARG A 22 -33.20 4.28 4.09
N PRO A 23 -34.02 3.38 3.53
CA PRO A 23 -34.71 3.58 2.24
C PRO A 23 -35.42 4.94 2.10
N GLU A 24 -35.60 5.64 3.22
CA GLU A 24 -36.33 6.89 3.26
C GLU A 24 -35.51 8.09 2.83
N MET A 25 -34.19 7.92 2.74
CA MET A 25 -33.31 8.98 2.23
C MET A 25 -33.68 9.34 0.77
N LEU A 26 -34.47 8.45 0.17
CA LEU A 26 -34.81 8.54 -1.25
C LEU A 26 -36.12 9.29 -1.49
N GLN A 27 -37.25 8.57 -1.39
CA GLN A 27 -38.60 9.13 -1.66
C GLN A 27 -38.76 10.66 -1.65
N GLY A 28 -39.44 11.19 -2.67
CA GLY A 28 -39.44 12.63 -2.94
C GLY A 28 -38.22 13.09 -3.74
N LYS A 29 -37.16 12.28 -3.74
CA LYS A 29 -35.95 12.62 -4.48
C LYS A 29 -36.13 12.44 -6.00
N LYS A 30 -35.66 13.42 -6.76
CA LYS A 30 -35.73 13.38 -8.22
C LYS A 30 -34.46 12.71 -8.83
N VAL A 31 -34.68 11.66 -9.64
CA VAL A 31 -33.68 10.66 -9.98
C VAL A 31 -33.76 10.11 -11.43
N ILE A 32 -32.65 10.24 -12.16
CA ILE A 32 -32.51 9.62 -13.50
C ILE A 32 -31.72 8.33 -13.46
N VAL A 33 -32.13 7.36 -14.26
CA VAL A 33 -31.41 6.09 -14.33
C VAL A 33 -31.18 5.65 -15.78
N THR A 34 -29.95 5.85 -16.28
CA THR A 34 -29.67 5.52 -17.68
C THR A 34 -29.41 4.03 -17.85
N GLY A 35 -29.45 3.58 -19.09
CA GLY A 35 -29.37 2.15 -19.34
C GLY A 35 -30.21 1.40 -18.31
N ALA A 36 -31.52 1.60 -18.37
CA ALA A 36 -32.46 0.98 -17.44
C ALA A 36 -33.23 -0.15 -18.11
N SER A 37 -33.13 -0.23 -19.43
CA SER A 37 -33.87 -1.23 -20.17
C SER A 37 -33.42 -2.69 -19.93
N LYS A 38 -32.30 -2.90 -19.22
CA LYS A 38 -31.78 -4.25 -18.98
C LYS A 38 -31.01 -4.35 -17.67
N GLY A 39 -30.53 -5.56 -17.35
CA GLY A 39 -29.73 -5.84 -16.15
C GLY A 39 -29.79 -4.89 -14.96
N ILE A 40 -28.63 -4.41 -14.51
CA ILE A 40 -28.48 -3.55 -13.32
C ILE A 40 -29.31 -2.27 -13.31
N GLY A 41 -29.54 -1.70 -14.49
CA GLY A 41 -30.36 -0.49 -14.60
C GLY A 41 -31.80 -0.72 -14.16
N ARG A 42 -32.41 -1.75 -14.75
CA ARG A 42 -33.71 -2.23 -14.32
C ARG A 42 -33.73 -2.31 -12.79
N GLU A 43 -32.76 -3.01 -12.23
CA GLU A 43 -32.77 -3.31 -10.81
C GLU A 43 -32.67 -2.07 -9.95
N MET A 44 -31.80 -1.14 -10.34
CA MET A 44 -31.66 0.12 -9.62
C MET A 44 -32.99 0.86 -9.53
N ALA A 45 -33.75 0.82 -10.63
CA ALA A 45 -35.00 1.56 -10.77
C ALA A 45 -36.09 0.90 -9.95
N TYR A 46 -36.19 -0.41 -10.10
CA TYR A 46 -37.08 -1.24 -9.30
C TYR A 46 -36.88 -1.09 -7.80
N HIS A 47 -35.67 -0.68 -7.39
CA HIS A 47 -35.43 -0.36 -5.98
C HIS A 47 -35.91 1.02 -5.69
N LEU A 48 -35.64 1.94 -6.60
CA LEU A 48 -36.09 3.31 -6.44
C LEU A 48 -37.62 3.41 -6.47
N ALA A 49 -38.24 2.40 -7.07
CA ALA A 49 -39.70 2.31 -7.18
C ALA A 49 -40.30 1.73 -5.91
N LYS A 50 -39.68 0.66 -5.39
CA LYS A 50 -39.99 0.02 -4.09
C LYS A 50 -39.60 0.92 -2.92
N MET A 51 -39.14 2.12 -3.22
CA MET A 51 -38.72 3.11 -2.25
C MET A 51 -39.35 4.44 -2.66
N GLY A 52 -39.89 4.45 -3.88
CA GLY A 52 -40.75 5.51 -4.37
C GLY A 52 -40.20 6.91 -4.48
N ALA A 53 -39.33 7.15 -5.46
CA ALA A 53 -38.95 8.52 -5.80
C ALA A 53 -39.38 8.85 -7.23
N HIS A 54 -39.14 10.08 -7.66
CA HIS A 54 -39.36 10.48 -9.07
C HIS A 54 -38.27 9.88 -9.98
N VAL A 55 -38.65 9.03 -10.94
CA VAL A 55 -37.68 8.31 -11.79
C VAL A 55 -37.91 8.44 -13.31
N VAL A 56 -37.10 9.26 -13.99
CA VAL A 56 -37.01 9.28 -15.46
C VAL A 56 -35.91 8.28 -15.92
N VAL A 57 -36.23 7.39 -16.85
CA VAL A 57 -35.33 6.27 -17.19
C VAL A 57 -35.03 6.16 -18.69
N THR A 58 -33.75 6.17 -19.06
CA THR A 58 -33.40 6.14 -20.50
C THR A 58 -32.87 4.82 -21.00
N ALA A 59 -32.86 4.72 -22.33
CA ALA A 59 -32.40 3.57 -23.05
C ALA A 59 -32.99 3.78 -24.43
N ARG A 60 -32.70 2.85 -25.33
CA ARG A 60 -33.19 2.92 -26.68
C ARG A 60 -34.53 2.19 -26.77
N SER A 61 -34.49 0.86 -26.55
CA SER A 61 -35.68 0.01 -26.59
C SER A 61 -36.92 0.65 -25.91
N LYS A 62 -37.89 1.07 -26.73
CA LYS A 62 -39.13 1.73 -26.25
C LYS A 62 -40.11 0.74 -25.62
N GLU A 63 -40.14 -0.47 -26.16
CA GLU A 63 -41.00 -1.54 -25.68
C GLU A 63 -40.67 -1.91 -24.23
N THR A 64 -39.37 -2.09 -23.94
CA THR A 64 -38.92 -2.52 -22.63
C THR A 64 -38.95 -1.36 -21.63
N LEU A 65 -38.75 -0.15 -22.14
CA LEU A 65 -38.83 1.08 -21.32
C LEU A 65 -40.27 1.42 -20.96
N GLN A 66 -41.20 0.63 -21.47
CA GLN A 66 -42.56 0.65 -20.96
C GLN A 66 -42.69 -0.36 -19.82
N LYS A 67 -42.34 -1.64 -20.07
CA LYS A 67 -42.24 -2.68 -19.02
C LYS A 67 -41.87 -2.01 -17.71
N VAL A 68 -40.72 -1.34 -17.75
CA VAL A 68 -40.09 -0.75 -16.59
C VAL A 68 -40.93 0.38 -15.99
N VAL A 69 -41.39 1.32 -16.83
CA VAL A 69 -42.12 2.52 -16.34
C VAL A 69 -43.37 2.22 -15.48
N SER A 70 -44.05 1.12 -15.79
CA SER A 70 -45.29 0.70 -15.10
C SER A 70 -45.06 -0.12 -13.81
N HIS A 71 -44.12 -1.06 -13.87
CA HIS A 71 -43.71 -1.85 -12.71
C HIS A 71 -43.32 -0.94 -11.56
N CYS A 72 -42.75 0.22 -11.92
CA CYS A 72 -42.32 1.21 -10.94
C CYS A 72 -43.48 1.92 -10.25
N LEU A 73 -44.53 2.20 -11.01
CA LEU A 73 -45.78 2.71 -10.44
C LEU A 73 -46.34 1.68 -9.47
N GLU A 74 -46.53 0.44 -9.95
CA GLU A 74 -47.06 -0.63 -9.11
C GLU A 74 -46.08 -1.11 -8.03
N LEU A 75 -45.09 -0.28 -7.73
CA LEU A 75 -44.16 -0.54 -6.65
C LEU A 75 -44.06 0.67 -5.74
N GLY A 76 -44.59 1.79 -6.18
CA GLY A 76 -44.74 2.93 -5.30
C GLY A 76 -43.92 4.15 -5.63
N ALA A 77 -43.63 4.37 -6.91
CA ALA A 77 -42.91 5.54 -7.33
C ALA A 77 -43.80 6.78 -7.30
N ALA A 78 -43.25 7.87 -6.75
CA ALA A 78 -43.88 9.19 -6.82
C ALA A 78 -43.66 9.82 -8.20
N SER A 79 -43.67 8.96 -9.23
CA SER A 79 -43.66 9.28 -10.68
C SER A 79 -42.64 8.45 -11.49
N ALA A 80 -43.12 7.82 -12.57
CA ALA A 80 -42.31 7.06 -13.52
C ALA A 80 -42.61 7.51 -14.96
N HIS A 81 -41.56 7.84 -15.71
CA HIS A 81 -41.65 8.22 -17.13
C HIS A 81 -40.41 7.69 -17.86
N TYR A 82 -40.52 7.48 -19.17
CA TYR A 82 -39.35 7.14 -20.00
C TYR A 82 -39.06 8.18 -21.10
N ILE A 83 -37.82 8.17 -21.60
CA ILE A 83 -37.48 8.74 -22.91
C ILE A 83 -36.64 7.68 -23.64
N ALA A 84 -36.65 7.67 -24.97
CA ALA A 84 -35.99 6.60 -25.71
C ALA A 84 -35.11 7.10 -26.84
N GLY A 85 -33.81 6.99 -26.64
CA GLY A 85 -32.85 7.42 -27.66
C GLY A 85 -31.56 6.65 -27.51
N THR A 86 -30.63 6.87 -28.45
CA THR A 86 -29.28 6.33 -28.38
C THR A 86 -28.37 7.42 -27.83
N MET A 87 -27.58 7.04 -26.83
CA MET A 87 -26.66 8.01 -26.21
C MET A 87 -25.43 8.35 -27.09
N GLU A 88 -25.39 7.78 -28.31
CA GLU A 88 -24.39 8.13 -29.32
C GLU A 88 -24.56 9.58 -29.74
N ASP A 89 -25.74 10.10 -29.46
CA ASP A 89 -26.21 11.38 -29.94
C ASP A 89 -26.08 12.39 -28.83
N MET A 90 -25.02 13.17 -28.90
CA MET A 90 -24.76 14.25 -27.94
C MET A 90 -25.83 15.36 -28.00
N THR A 91 -26.46 15.58 -29.15
CA THR A 91 -27.66 16.41 -29.15
C THR A 91 -28.77 15.74 -28.28
N PHE A 92 -29.07 14.46 -28.52
CA PHE A 92 -30.12 13.79 -27.73
C PHE A 92 -29.88 13.84 -26.24
N ALA A 93 -28.71 13.36 -25.83
CA ALA A 93 -28.30 13.33 -24.44
C ALA A 93 -28.57 14.66 -23.70
N GLU A 94 -28.06 15.78 -24.22
CA GLU A 94 -28.27 17.10 -23.59
C GLU A 94 -29.78 17.43 -23.42
N GLN A 95 -30.55 17.00 -24.41
CA GLN A 95 -31.98 17.26 -24.46
C GLN A 95 -32.76 16.27 -23.65
N PHE A 96 -32.24 15.07 -23.45
CA PHE A 96 -32.93 14.18 -22.56
C PHE A 96 -33.00 14.78 -21.14
N VAL A 97 -31.89 15.34 -20.68
CA VAL A 97 -31.78 15.91 -19.31
C VAL A 97 -32.61 17.21 -19.13
N ALA A 98 -32.94 17.87 -20.24
CA ALA A 98 -33.88 19.02 -20.23
C ALA A 98 -35.31 18.49 -20.01
N GLN A 99 -35.89 17.86 -21.03
CA GLN A 99 -37.09 17.01 -20.91
C GLN A 99 -37.34 16.32 -19.52
N ALA A 100 -36.38 15.55 -19.02
CA ALA A 100 -36.50 14.94 -17.69
C ALA A 100 -36.47 15.97 -16.57
N GLY A 101 -35.73 17.06 -16.80
CA GLY A 101 -35.71 18.20 -15.85
C GLY A 101 -37.07 18.90 -15.71
N LYS A 102 -37.71 19.13 -16.86
CA LYS A 102 -39.08 19.64 -16.91
C LYS A 102 -40.03 18.64 -16.28
N LEU A 103 -40.07 17.40 -16.80
CA LEU A 103 -40.97 16.34 -16.28
C LEU A 103 -40.88 16.07 -14.78
N MET A 104 -39.98 16.76 -14.05
CA MET A 104 -39.75 16.49 -12.62
C MET A 104 -39.65 17.72 -11.72
N GLY A 105 -39.54 18.90 -12.33
CA GLY A 105 -39.37 20.15 -11.60
C GLY A 105 -38.09 20.25 -10.79
N GLY A 106 -37.00 19.72 -11.35
CA GLY A 106 -35.69 19.65 -10.67
C GLY A 106 -35.10 18.25 -10.78
N LEU A 107 -33.96 18.04 -10.10
CA LEU A 107 -33.20 16.77 -10.11
C LEU A 107 -32.24 16.66 -8.90
N ASP A 108 -32.30 15.52 -8.21
CA ASP A 108 -31.45 15.24 -7.04
C ASP A 108 -30.29 14.28 -7.33
N MET A 109 -30.60 13.16 -8.00
CA MET A 109 -29.63 12.13 -8.24
C MET A 109 -29.62 11.63 -9.68
N LEU A 110 -28.47 11.79 -10.35
CA LEU A 110 -28.25 11.29 -11.70
C LEU A 110 -27.38 10.03 -11.76
N ILE A 111 -27.97 8.90 -12.14
CA ILE A 111 -27.27 7.62 -12.16
C ILE A 111 -26.83 7.24 -13.58
N LEU A 112 -25.58 7.59 -13.91
CA LEU A 112 -25.03 7.29 -15.20
C LEU A 112 -24.60 5.85 -15.17
N ASN A 113 -25.16 5.06 -16.08
CA ASN A 113 -25.01 3.61 -16.03
C ASN A 113 -24.88 2.99 -17.41
N HIS A 114 -25.49 3.61 -18.41
CA HIS A 114 -25.49 3.02 -19.74
C HIS A 114 -24.05 2.74 -20.24
N ILE A 115 -23.97 1.80 -21.17
CA ILE A 115 -22.70 1.43 -21.74
C ILE A 115 -23.05 1.06 -23.18
N THR A 116 -22.20 0.32 -23.88
CA THR A 116 -22.48 -0.07 -25.28
C THR A 116 -22.10 -1.54 -25.50
N ASN A 117 -22.71 -2.19 -26.47
CA ASN A 117 -22.49 -3.63 -26.72
C ASN A 117 -21.00 -4.05 -26.86
N THR A 118 -20.51 -4.76 -25.85
CA THR A 118 -19.15 -5.30 -25.86
C THR A 118 -19.20 -6.84 -25.67
N SER A 119 -18.13 -7.51 -26.07
CA SER A 119 -17.92 -8.90 -25.74
C SER A 119 -16.42 -9.03 -25.58
N LEU A 120 -15.98 -10.13 -24.99
CA LEU A 120 -14.57 -10.33 -24.84
C LEU A 120 -14.04 -10.56 -26.25
N ASN A 121 -13.01 -9.81 -26.63
CA ASN A 121 -12.40 -9.93 -27.93
C ASN A 121 -11.02 -9.31 -27.87
N LEU A 122 -10.07 -9.99 -28.51
CA LEU A 122 -8.70 -9.53 -28.55
C LEU A 122 -8.54 -8.38 -29.56
N PHE A 123 -8.21 -7.18 -29.07
CA PHE A 123 -8.20 -5.96 -29.88
C PHE A 123 -7.17 -6.04 -31.00
N HIS A 124 -7.64 -6.18 -32.22
CA HIS A 124 -6.73 -6.30 -33.32
C HIS A 124 -6.53 -4.93 -33.90
N ASP A 125 -7.60 -4.38 -34.47
CA ASP A 125 -7.51 -3.21 -35.32
C ASP A 125 -8.86 -2.48 -35.42
N ASP A 126 -9.75 -2.76 -34.47
CA ASP A 126 -11.10 -2.19 -34.44
C ASP A 126 -11.17 -0.81 -33.75
N ILE A 127 -10.68 0.22 -34.46
CA ILE A 127 -10.79 1.59 -33.98
C ILE A 127 -12.27 1.93 -33.78
N HIS A 128 -13.14 1.42 -34.63
CA HIS A 128 -14.56 1.74 -34.51
C HIS A 128 -15.01 1.49 -33.05
N HIS A 129 -14.94 0.24 -32.58
CA HIS A 129 -15.37 -0.08 -31.22
C HIS A 129 -14.72 0.85 -30.14
N VAL A 130 -13.46 1.20 -30.34
CA VAL A 130 -12.76 2.10 -29.41
C VAL A 130 -13.42 3.51 -29.39
N ARG A 131 -13.80 4.00 -30.55
CA ARG A 131 -14.41 5.29 -30.69
C ARG A 131 -15.81 5.31 -30.04
N LYS A 132 -16.64 4.32 -30.38
CA LYS A 132 -17.99 4.25 -29.86
C LYS A 132 -17.92 4.17 -28.34
N SER A 133 -16.94 3.43 -27.83
CA SER A 133 -16.84 3.18 -26.40
C SER A 133 -16.56 4.51 -25.72
N MET A 134 -15.65 5.29 -26.30
CA MET A 134 -15.34 6.60 -25.73
C MET A 134 -16.53 7.57 -25.83
N GLU A 135 -17.30 7.50 -26.92
CA GLU A 135 -18.51 8.29 -27.11
C GLU A 135 -19.59 7.93 -26.08
N VAL A 136 -20.02 6.69 -26.12
CA VAL A 136 -21.14 6.24 -25.32
C VAL A 136 -20.80 6.05 -23.85
N ASN A 137 -19.59 5.66 -23.53
CA ASN A 137 -19.30 5.31 -22.16
C ASN A 137 -18.65 6.44 -21.45
N PHE A 138 -18.10 7.37 -22.18
CA PHE A 138 -17.39 8.41 -21.45
C PHE A 138 -17.94 9.75 -21.81
N LEU A 139 -17.88 10.07 -23.09
CA LEU A 139 -18.28 11.39 -23.53
C LEU A 139 -19.72 11.70 -23.14
N SER A 140 -20.67 10.81 -23.44
CA SER A 140 -22.06 11.12 -23.16
C SER A 140 -22.24 11.45 -21.69
N TYR A 141 -21.74 10.58 -20.79
CA TYR A 141 -21.88 10.79 -19.34
C TYR A 141 -21.41 12.20 -18.99
N VAL A 142 -20.45 12.69 -19.77
CA VAL A 142 -19.92 14.03 -19.56
C VAL A 142 -20.92 15.09 -20.04
N VAL A 143 -21.66 14.79 -21.11
CA VAL A 143 -22.69 15.73 -21.56
C VAL A 143 -23.86 15.71 -20.56
N LEU A 144 -24.21 14.51 -20.11
CA LEU A 144 -25.32 14.33 -19.18
C LEU A 144 -25.08 15.19 -17.95
N THR A 145 -23.85 15.15 -17.48
CA THR A 145 -23.45 15.84 -16.28
C THR A 145 -23.53 17.34 -16.44
N VAL A 146 -23.08 17.85 -17.58
CA VAL A 146 -22.92 19.30 -17.74
C VAL A 146 -24.27 20.00 -17.84
N ALA A 147 -25.16 19.37 -18.60
CA ALA A 147 -26.61 19.69 -18.63
C ALA A 147 -27.27 19.55 -17.26
N ALA A 148 -26.83 18.59 -16.45
CA ALA A 148 -27.50 18.33 -15.19
C ALA A 148 -27.05 19.30 -14.15
N LEU A 149 -25.84 19.81 -14.29
CA LEU A 149 -25.19 20.60 -13.22
C LEU A 149 -25.95 21.81 -12.60
N PRO A 150 -26.67 22.64 -13.42
CA PRO A 150 -27.52 23.69 -12.80
C PRO A 150 -28.57 23.15 -11.80
N MET A 151 -29.36 22.17 -12.23
CA MET A 151 -30.38 21.55 -11.38
C MET A 151 -29.83 20.88 -10.13
N LEU A 152 -28.67 20.26 -10.25
CA LEU A 152 -28.06 19.55 -9.15
C LEU A 152 -27.40 20.52 -8.20
N LYS A 153 -27.00 21.71 -8.70
CA LYS A 153 -26.50 22.80 -7.84
C LYS A 153 -27.63 23.28 -6.96
N GLN A 154 -28.78 23.52 -7.60
CA GLN A 154 -30.00 23.93 -6.90
C GLN A 154 -30.52 22.90 -5.87
N SER A 155 -30.13 21.63 -5.95
CA SER A 155 -30.62 20.66 -4.95
C SER A 155 -29.56 20.00 -4.06
N ASN A 156 -28.29 20.43 -4.23
CA ASN A 156 -27.15 19.84 -3.52
C ASN A 156 -27.14 18.33 -3.78
N GLY A 157 -27.32 18.01 -5.06
CA GLY A 157 -27.47 16.63 -5.46
C GLY A 157 -26.18 15.84 -5.56
N SER A 158 -26.37 14.64 -6.11
CA SER A 158 -25.36 13.62 -6.30
C SER A 158 -25.29 13.08 -7.72
N ILE A 159 -24.07 12.80 -8.17
CA ILE A 159 -23.86 12.16 -9.45
C ILE A 159 -23.32 10.77 -9.20
N VAL A 160 -23.96 9.75 -9.74
CA VAL A 160 -23.45 8.39 -9.60
C VAL A 160 -22.94 7.81 -10.92
N VAL A 161 -21.65 7.51 -10.94
CA VAL A 161 -21.02 6.93 -12.11
C VAL A 161 -20.78 5.46 -11.82
N VAL A 162 -21.27 4.60 -12.70
CA VAL A 162 -21.04 3.17 -12.58
C VAL A 162 -19.83 2.71 -13.39
N SER A 163 -18.86 2.11 -12.70
CA SER A 163 -17.70 1.56 -13.35
C SER A 163 -17.44 0.10 -12.97
N SER A 164 -16.17 -0.31 -13.08
CA SER A 164 -15.80 -1.72 -13.12
C SER A 164 -14.35 -1.96 -12.72
N LEU A 165 -14.07 -3.18 -12.29
CA LEU A 165 -12.69 -3.65 -12.08
C LEU A 165 -11.77 -3.12 -13.17
N ALA A 166 -12.22 -3.32 -14.40
CA ALA A 166 -11.49 -2.91 -15.57
C ALA A 166 -11.26 -1.41 -15.62
N GLY A 167 -11.84 -0.66 -14.67
CA GLY A 167 -11.63 0.79 -14.58
C GLY A 167 -10.62 1.19 -13.53
N LYS A 168 -10.09 0.19 -12.85
CA LYS A 168 -9.02 0.40 -11.87
C LYS A 168 -7.71 -0.29 -12.29
N VAL A 169 -7.83 -1.52 -12.80
CA VAL A 169 -6.69 -2.35 -13.19
C VAL A 169 -6.84 -2.92 -14.59
N ALA A 170 -5.73 -3.25 -15.24
CA ALA A 170 -5.80 -3.87 -16.56
C ALA A 170 -6.35 -5.31 -16.56
N TYR A 171 -7.21 -5.58 -17.53
CA TYR A 171 -7.61 -6.91 -17.94
C TYR A 171 -7.47 -6.95 -19.42
N PRO A 172 -7.01 -8.10 -19.96
CA PRO A 172 -7.04 -8.27 -21.43
C PRO A 172 -8.48 -8.46 -21.89
N MET A 173 -8.73 -8.27 -23.19
CA MET A 173 -10.00 -8.60 -23.87
C MET A 173 -11.13 -7.55 -23.84
N VAL A 174 -11.02 -6.56 -22.95
CA VAL A 174 -12.03 -5.51 -22.79
C VAL A 174 -11.39 -4.11 -22.83
N ALA A 175 -10.56 -3.88 -23.85
CA ALA A 175 -9.62 -2.80 -23.83
C ALA A 175 -10.27 -1.48 -24.20
N ALA A 176 -11.09 -1.48 -25.24
CA ALA A 176 -11.98 -0.34 -25.49
C ALA A 176 -12.74 0.00 -24.19
N TYR A 177 -13.27 -1.03 -23.54
CA TYR A 177 -14.04 -0.88 -22.34
C TYR A 177 -13.23 -0.16 -21.24
N SER A 178 -12.15 -0.83 -20.80
CA SER A 178 -11.23 -0.34 -19.78
C SER A 178 -10.83 1.11 -20.02
N ALA A 179 -10.48 1.39 -21.27
CA ALA A 179 -10.12 2.74 -21.66
C ALA A 179 -11.25 3.72 -21.30
N SER A 180 -12.48 3.36 -21.66
CA SER A 180 -13.61 4.27 -21.38
C SER A 180 -13.80 4.27 -19.87
N LYS A 181 -13.68 3.11 -19.23
CA LYS A 181 -13.81 3.14 -17.73
C LYS A 181 -12.77 3.97 -17.04
N PHE A 182 -11.50 3.83 -17.43
CA PHE A 182 -10.40 4.55 -16.81
C PHE A 182 -10.66 6.03 -17.02
N ALA A 183 -11.06 6.38 -18.23
CA ALA A 183 -11.46 7.74 -18.58
C ALA A 183 -12.40 8.34 -17.54
N LEU A 184 -13.43 7.57 -17.15
CA LEU A 184 -14.42 8.04 -16.15
C LEU A 184 -13.81 8.43 -14.81
N ASP A 185 -12.82 7.64 -14.38
CA ASP A 185 -12.12 7.88 -13.14
C ASP A 185 -11.35 9.20 -13.29
N GLY A 186 -10.44 9.27 -14.23
CA GLY A 186 -9.65 10.45 -14.31
C GLY A 186 -10.53 11.68 -14.33
N PHE A 187 -11.61 11.58 -15.09
CA PHE A 187 -12.48 12.74 -15.27
C PHE A 187 -13.22 13.13 -14.00
N PHE A 188 -14.00 12.18 -13.44
CA PHE A 188 -14.93 12.53 -12.38
C PHE A 188 -14.27 12.79 -11.02
N SER A 189 -13.24 11.99 -10.72
CA SER A 189 -12.41 12.18 -9.51
C SER A 189 -11.69 13.51 -9.62
N SER A 190 -11.59 14.00 -10.83
CA SER A 190 -10.78 15.19 -11.00
C SER A 190 -11.65 16.42 -10.91
N ILE A 191 -12.88 16.34 -11.44
CA ILE A 191 -13.88 17.39 -11.19
C ILE A 191 -14.32 17.34 -9.74
N ARG A 192 -14.37 16.14 -9.16
CA ARG A 192 -14.78 16.03 -7.77
C ARG A 192 -13.99 17.03 -6.99
N LYS A 193 -12.67 16.88 -7.06
CA LYS A 193 -11.75 17.80 -6.44
C LYS A 193 -12.03 19.25 -6.84
N GLU A 194 -12.19 19.51 -8.14
CA GLU A 194 -12.58 20.85 -8.60
C GLU A 194 -13.74 21.38 -7.76
N TYR A 195 -14.78 20.57 -7.53
CA TYR A 195 -15.92 21.04 -6.73
C TYR A 195 -15.52 21.33 -5.28
N SER A 196 -15.12 20.32 -4.52
CA SER A 196 -14.74 20.55 -3.13
C SER A 196 -13.96 21.89 -3.00
N VAL A 197 -12.70 21.93 -3.45
CA VAL A 197 -11.95 23.19 -3.41
C VAL A 197 -12.62 24.23 -4.32
N SER A 198 -13.86 24.58 -4.01
CA SER A 198 -14.72 25.43 -4.85
C SER A 198 -16.04 25.81 -4.13
N ARG A 199 -16.38 25.02 -3.11
CA ARG A 199 -17.61 25.18 -2.31
C ARG A 199 -18.89 24.68 -3.02
N VAL A 200 -18.72 24.03 -4.16
CA VAL A 200 -19.82 23.44 -4.91
C VAL A 200 -20.23 22.11 -4.24
N ASN A 201 -21.46 22.06 -3.73
CA ASN A 201 -21.91 20.90 -2.95
C ASN A 201 -22.51 19.78 -3.78
N VAL A 202 -21.87 19.44 -4.89
CA VAL A 202 -22.31 18.30 -5.69
C VAL A 202 -21.48 17.06 -5.43
N SER A 203 -22.14 15.91 -5.37
CA SER A 203 -21.53 14.68 -4.93
C SER A 203 -21.35 13.71 -6.06
N ILE A 204 -20.15 13.14 -6.11
CA ILE A 204 -19.73 12.26 -7.19
C ILE A 204 -19.31 10.92 -6.62
N THR A 205 -20.04 9.89 -7.01
CA THR A 205 -19.70 8.53 -6.64
C THR A 205 -19.24 7.76 -7.84
N LEU A 206 -18.12 7.07 -7.68
CA LEU A 206 -17.62 6.12 -8.67
C LEU A 206 -17.95 4.79 -8.10
N CYS A 207 -18.50 3.90 -8.89
CA CYS A 207 -18.84 2.61 -8.33
C CYS A 207 -18.04 1.52 -9.00
N VAL A 208 -17.12 0.94 -8.26
CA VAL A 208 -16.26 -0.10 -8.80
C VAL A 208 -16.86 -1.49 -8.53
N LEU A 209 -17.29 -2.16 -9.60
CA LEU A 209 -18.02 -3.43 -9.52
C LEU A 209 -17.29 -4.56 -10.21
N GLY A 210 -17.10 -5.66 -9.50
CA GLY A 210 -16.56 -6.88 -10.09
C GLY A 210 -17.63 -7.46 -10.98
N LEU A 211 -17.44 -8.70 -11.40
CA LEU A 211 -18.43 -9.42 -12.19
C LEU A 211 -19.82 -9.40 -11.54
N ILE A 212 -20.85 -9.05 -12.29
CA ILE A 212 -22.23 -9.07 -11.79
C ILE A 212 -23.06 -10.07 -12.64
N ASP A 213 -24.14 -10.63 -12.07
CA ASP A 213 -24.93 -11.67 -12.77
C ASP A 213 -26.07 -11.17 -13.69
N THR A 214 -25.71 -10.68 -14.87
CA THR A 214 -26.68 -10.10 -15.79
C THR A 214 -26.55 -10.78 -17.14
N GLU A 215 -27.64 -10.79 -17.93
CA GLU A 215 -27.66 -11.55 -19.21
C GLU A 215 -26.53 -11.17 -20.17
N THR A 216 -26.52 -9.91 -20.63
CA THR A 216 -25.49 -9.41 -21.56
C THR A 216 -24.06 -9.53 -21.00
N ALA A 217 -23.95 -9.59 -19.67
CA ALA A 217 -22.66 -9.74 -19.00
C ALA A 217 -22.28 -11.18 -18.77
N MET A 218 -23.26 -12.07 -18.91
CA MET A 218 -23.05 -13.51 -18.79
C MET A 218 -22.74 -14.08 -20.17
N LYS A 219 -23.49 -13.65 -21.18
CA LYS A 219 -23.20 -14.04 -22.57
C LYS A 219 -21.72 -13.78 -22.88
N ALA A 220 -21.28 -12.55 -22.56
CA ALA A 220 -19.93 -12.08 -22.84
C ALA A 220 -18.78 -12.90 -22.20
N VAL A 221 -18.88 -13.20 -20.90
CA VAL A 221 -17.79 -13.89 -20.14
C VAL A 221 -17.91 -15.42 -20.10
N SER A 222 -18.95 -15.94 -20.75
CA SER A 222 -19.08 -17.33 -21.22
C SER A 222 -17.95 -18.26 -20.82
N GLY A 223 -16.89 -18.30 -21.62
CA GLY A 223 -15.78 -19.21 -21.38
C GLY A 223 -14.60 -18.60 -20.64
N ILE A 224 -14.89 -17.95 -19.52
CA ILE A 224 -13.86 -17.36 -18.63
C ILE A 224 -14.10 -17.82 -17.18
N VAL A 225 -13.09 -18.45 -16.56
CA VAL A 225 -13.24 -19.08 -15.23
C VAL A 225 -13.38 -18.02 -14.13
N HIS A 226 -14.57 -17.41 -14.09
CA HIS A 226 -14.88 -16.41 -13.09
C HIS A 226 -15.37 -17.07 -11.81
N MET A 227 -15.26 -16.37 -10.67
CA MET A 227 -16.02 -16.75 -9.49
C MET A 227 -17.43 -16.18 -9.69
N GLN A 228 -18.42 -16.84 -9.09
CA GLN A 228 -19.83 -16.46 -9.24
C GLN A 228 -20.06 -14.96 -9.13
N ALA A 229 -20.78 -14.43 -10.09
CA ALA A 229 -21.14 -13.03 -10.10
C ALA A 229 -22.12 -12.76 -8.98
N ALA A 230 -21.81 -11.76 -8.15
CA ALA A 230 -22.69 -11.34 -7.09
C ALA A 230 -23.97 -10.72 -7.67
N PRO A 231 -25.13 -10.90 -6.98
CA PRO A 231 -26.48 -10.51 -7.46
C PRO A 231 -26.68 -9.04 -7.87
N LYS A 232 -27.39 -8.84 -8.99
CA LYS A 232 -27.70 -7.49 -9.50
C LYS A 232 -28.42 -6.59 -8.47
N GLU A 233 -29.19 -7.24 -7.58
CA GLU A 233 -30.08 -6.56 -6.61
C GLU A 233 -29.32 -5.81 -5.51
N GLU A 234 -28.54 -6.54 -4.70
CA GLU A 234 -27.82 -5.89 -3.61
C GLU A 234 -26.85 -4.91 -4.22
N CYS A 235 -26.29 -5.29 -5.37
CA CYS A 235 -25.44 -4.37 -6.13
C CYS A 235 -26.18 -3.07 -6.44
N ALA A 236 -27.30 -3.17 -7.14
CA ALA A 236 -28.12 -2.01 -7.43
C ALA A 236 -28.35 -1.22 -6.15
N LEU A 237 -28.71 -1.93 -5.09
CA LEU A 237 -28.92 -1.32 -3.79
C LEU A 237 -27.67 -0.59 -3.32
N GLU A 238 -26.51 -1.25 -3.51
CA GLU A 238 -25.23 -0.70 -3.06
C GLU A 238 -24.90 0.56 -3.80
N ILE A 239 -25.10 0.53 -5.11
CA ILE A 239 -24.92 1.70 -5.93
C ILE A 239 -25.76 2.82 -5.34
N ILE A 240 -27.05 2.56 -5.12
CA ILE A 240 -27.96 3.58 -4.60
C ILE A 240 -27.55 4.02 -3.20
N LYS A 241 -27.20 3.07 -2.34
CA LYS A 241 -26.86 3.40 -0.97
C LYS A 241 -25.75 4.42 -0.89
N GLY A 242 -24.57 4.07 -1.38
CA GLY A 242 -23.41 4.92 -1.27
C GLY A 242 -23.59 6.16 -2.10
N GLY A 243 -24.31 5.97 -3.21
CA GLY A 243 -24.87 7.09 -3.97
C GLY A 243 -25.57 8.09 -3.06
N ALA A 244 -26.59 7.65 -2.33
CA ALA A 244 -27.29 8.49 -1.34
C ALA A 244 -26.38 8.94 -0.19
N LEU A 245 -25.52 8.02 0.28
CA LEU A 245 -24.58 8.25 1.38
C LEU A 245 -23.50 9.25 1.02
N ARG A 246 -23.52 9.70 -0.23
CA ARG A 246 -22.55 10.65 -0.77
C ARG A 246 -21.10 10.21 -0.57
N GLN A 247 -20.87 8.90 -0.72
CA GLN A 247 -19.52 8.31 -0.63
C GLN A 247 -18.72 8.61 -1.92
N GLU A 248 -17.40 8.77 -1.80
CA GLU A 248 -16.60 9.11 -2.97
C GLU A 248 -16.51 7.97 -3.95
N GLU A 249 -16.50 6.75 -3.39
CA GLU A 249 -16.34 5.56 -4.17
C GLU A 249 -17.04 4.40 -3.49
N VAL A 250 -17.51 3.44 -4.27
CA VAL A 250 -18.27 2.30 -3.75
C VAL A 250 -17.79 1.01 -4.39
N TYR A 251 -17.45 0.02 -3.57
CA TYR A 251 -16.97 -1.24 -4.11
C TYR A 251 -18.05 -2.28 -3.98
N TYR A 252 -17.83 -3.44 -4.57
CA TYR A 252 -18.78 -4.53 -4.55
C TYR A 252 -18.33 -5.66 -5.48
N ASP A 253 -17.98 -6.80 -4.89
CA ASP A 253 -17.62 -8.01 -5.63
C ASP A 253 -17.91 -9.25 -4.78
N SER A 254 -18.25 -10.35 -5.45
CA SER A 254 -18.71 -11.57 -4.78
C SER A 254 -17.66 -12.13 -3.84
N SER A 255 -16.49 -12.48 -4.37
CA SER A 255 -15.36 -12.77 -3.52
C SER A 255 -14.94 -11.45 -2.87
N LEU A 256 -15.66 -11.07 -1.80
CA LEU A 256 -15.43 -9.84 -1.03
C LEU A 256 -13.97 -9.65 -0.58
N TRP A 257 -13.21 -10.75 -0.62
CA TRP A 257 -11.77 -10.73 -0.74
C TRP A 257 -11.29 -9.52 -1.54
N THR A 258 -11.46 -9.62 -2.87
CA THR A 258 -11.11 -8.58 -3.85
C THR A 258 -11.39 -7.18 -3.33
N THR A 259 -12.65 -6.98 -2.93
CA THR A 259 -13.18 -5.76 -2.32
C THR A 259 -12.17 -5.03 -1.43
N LEU A 260 -11.17 -5.77 -0.97
CA LEU A 260 -10.12 -5.22 -0.11
C LEU A 260 -9.05 -4.50 -0.91
N LEU A 261 -8.38 -5.28 -1.75
CA LEU A 261 -7.16 -4.84 -2.40
C LEU A 261 -7.44 -4.09 -3.71
N ILE A 262 -8.70 -4.12 -4.17
CA ILE A 262 -9.16 -3.25 -5.27
C ILE A 262 -8.96 -1.79 -4.90
N ARG A 263 -9.15 -1.50 -3.62
CA ARG A 263 -8.77 -0.22 -3.06
C ARG A 263 -7.32 0.01 -3.36
N ASN A 264 -7.01 1.28 -3.63
CA ASN A 264 -5.66 1.75 -3.93
C ASN A 264 -5.32 2.92 -2.94
N PRO A 265 -4.70 2.57 -1.79
CA PRO A 265 -4.33 3.56 -0.74
C PRO A 265 -3.18 4.44 -1.15
N SER A 266 -2.23 3.86 -1.88
CA SER A 266 -1.11 4.55 -2.54
C SER A 266 -1.51 5.92 -3.16
N ARG A 267 -2.58 5.90 -3.95
CA ARG A 267 -3.06 7.10 -4.65
C ARG A 267 -3.62 8.18 -3.73
N LYS A 268 -4.45 7.74 -2.78
CA LYS A 268 -5.01 8.64 -1.76
C LYS A 268 -3.94 9.55 -1.18
N ILE A 269 -2.82 8.93 -0.80
CA ILE A 269 -1.70 9.68 -0.25
C ILE A 269 -1.28 10.79 -1.20
N LEU A 270 -0.87 10.42 -2.41
CA LEU A 270 -0.41 11.39 -3.40
C LEU A 270 -1.24 12.69 -3.45
N GLU A 271 -2.53 12.56 -3.79
CA GLU A 271 -3.37 13.73 -4.11
C GLU A 271 -3.51 14.68 -2.91
N PHE A 272 -3.72 14.07 -1.73
CA PHE A 272 -3.76 14.77 -0.43
C PHE A 272 -2.66 15.84 -0.30
N LEU A 273 -1.46 15.44 -0.70
CA LEU A 273 -0.28 16.28 -0.66
C LEU A 273 -0.26 17.36 -1.76
N TYR A 274 -0.70 17.01 -2.97
CA TYR A 274 -0.66 17.95 -4.10
C TYR A 274 -1.75 18.99 -3.98
N SER A 275 -2.84 18.59 -3.31
CA SER A 275 -3.86 19.53 -2.87
C SER A 275 -3.40 20.20 -1.57
N GLN B 15 -12.28 -2.32 16.87
CA GLN B 15 -13.74 -2.10 16.83
C GLN B 15 -14.14 -0.62 17.10
N PRO B 16 -13.53 0.34 16.35
CA PRO B 16 -13.67 1.82 16.53
C PRO B 16 -15.06 2.32 16.96
N LEU B 17 -15.11 3.45 17.65
CA LEU B 17 -16.42 4.04 17.99
C LEU B 17 -17.00 4.84 16.82
N ASN B 18 -18.32 5.01 16.85
CA ASN B 18 -19.04 5.67 15.76
C ASN B 18 -19.64 7.02 16.15
N GLU B 19 -19.00 7.69 17.11
CA GLU B 19 -19.37 9.02 17.58
C GLU B 19 -18.23 10.02 17.26
N GLU B 20 -18.30 11.24 17.81
CA GLU B 20 -17.21 12.20 17.70
C GLU B 20 -16.71 12.57 19.09
N PHE B 21 -15.42 12.86 19.23
CA PHE B 21 -14.87 13.02 20.56
C PHE B 21 -15.43 14.23 21.29
N ARG B 22 -15.73 14.04 22.57
CA ARG B 22 -16.06 15.14 23.47
C ARG B 22 -15.52 14.90 24.88
N PRO B 23 -14.89 15.94 25.46
CA PRO B 23 -14.21 15.94 26.76
C PRO B 23 -15.00 15.25 27.86
N GLU B 24 -16.29 15.15 27.65
CA GLU B 24 -17.19 14.63 28.65
C GLU B 24 -17.12 13.10 28.68
N MET B 25 -16.71 12.50 27.58
CA MET B 25 -16.45 11.06 27.53
C MET B 25 -15.52 10.63 28.67
N LEU B 26 -14.76 11.59 29.23
CA LEU B 26 -13.75 11.33 30.27
C LEU B 26 -14.13 11.75 31.69
N GLN B 27 -15.08 12.67 31.79
CA GLN B 27 -15.56 13.15 33.10
C GLN B 27 -16.05 11.99 33.95
N GLY B 28 -15.47 11.85 35.14
CA GLY B 28 -15.78 10.71 36.00
C GLY B 28 -15.01 9.42 35.67
N LYS B 29 -14.19 9.42 34.62
CA LYS B 29 -13.45 8.22 34.29
C LYS B 29 -12.20 8.06 35.16
N LYS B 30 -11.89 6.82 35.53
CA LYS B 30 -10.74 6.54 36.36
C LYS B 30 -9.58 6.13 35.47
N VAL B 31 -8.57 6.98 35.41
CA VAL B 31 -7.39 6.71 34.55
C VAL B 31 -5.99 6.65 35.21
N ILE B 32 -5.27 5.60 34.83
CA ILE B 32 -3.88 5.42 35.17
C ILE B 32 -3.11 5.95 34.01
N VAL B 33 -2.09 6.75 34.26
CA VAL B 33 -1.16 7.13 33.22
C VAL B 33 0.19 6.76 33.84
N THR B 34 1.04 6.09 33.06
CA THR B 34 2.42 5.76 33.46
C THR B 34 3.42 6.66 32.68
N GLY B 35 4.69 6.59 33.06
CA GLY B 35 5.69 7.53 32.57
C GLY B 35 5.09 8.92 32.62
N ALA B 36 4.31 9.15 33.68
CA ALA B 36 3.47 10.33 33.76
C ALA B 36 4.15 11.54 34.46
N SER B 37 5.47 11.49 34.65
CA SER B 37 6.13 12.55 35.40
C SER B 37 6.73 13.66 34.52
N LYS B 38 7.13 13.34 33.30
CA LYS B 38 7.58 14.36 32.34
C LYS B 38 6.91 14.16 30.97
N GLY B 39 7.40 14.82 29.94
CA GLY B 39 6.97 14.54 28.57
C GLY B 39 5.49 14.40 28.32
N ILE B 40 5.09 13.41 27.50
CA ILE B 40 3.69 13.23 27.06
C ILE B 40 2.82 12.85 28.22
N GLY B 41 3.46 12.19 29.18
CA GLY B 41 2.72 11.54 30.25
C GLY B 41 2.10 12.59 31.10
N ARG B 42 2.91 13.60 31.39
CA ARG B 42 2.52 14.78 32.16
C ARG B 42 1.30 15.36 31.46
N GLU B 43 1.51 15.71 30.20
CA GLU B 43 0.48 16.28 29.34
C GLU B 43 -0.82 15.51 29.36
N MET B 44 -0.74 14.19 29.37
CA MET B 44 -1.97 13.44 29.41
C MET B 44 -2.69 13.66 30.74
N ALA B 45 -1.93 13.66 31.83
CA ALA B 45 -2.51 13.83 33.15
C ALA B 45 -3.32 15.13 33.23
N TYR B 46 -2.66 16.22 32.85
CA TYR B 46 -3.26 17.54 32.74
C TYR B 46 -4.54 17.54 31.91
N HIS B 47 -4.49 17.07 30.66
CA HIS B 47 -5.72 17.01 29.86
C HIS B 47 -6.80 16.20 30.58
N LEU B 48 -6.44 15.07 31.20
CA LEU B 48 -7.47 14.28 31.92
C LEU B 48 -7.98 15.07 33.12
N ALA B 49 -7.07 15.85 33.71
CA ALA B 49 -7.43 16.79 34.78
C ALA B 49 -8.46 17.84 34.33
N LYS B 50 -8.13 18.62 33.30
CA LYS B 50 -9.07 19.60 32.72
C LYS B 50 -10.43 18.93 32.56
N MET B 51 -10.41 17.66 32.16
CA MET B 51 -11.63 16.93 31.82
C MET B 51 -12.40 16.34 33.01
N GLY B 52 -11.83 16.37 34.20
CA GLY B 52 -12.56 16.03 35.41
C GLY B 52 -12.59 14.56 35.75
N ALA B 53 -11.52 13.86 35.37
CA ALA B 53 -11.33 12.45 35.55
C ALA B 53 -10.65 12.15 36.89
N HIS B 54 -10.86 10.94 37.42
CA HIS B 54 -9.99 10.46 38.49
C HIS B 54 -8.69 10.05 37.76
N VAL B 55 -7.53 10.20 38.37
CA VAL B 55 -6.25 10.11 37.68
C VAL B 55 -5.24 9.49 38.67
N VAL B 56 -4.55 8.43 38.25
CA VAL B 56 -3.40 7.98 39.02
C VAL B 56 -2.20 7.94 38.11
N VAL B 57 -1.14 8.63 38.54
CA VAL B 57 0.05 8.81 37.74
C VAL B 57 1.25 8.19 38.44
N THR B 58 2.32 7.93 37.69
CA THR B 58 3.40 7.12 38.19
C THR B 58 4.70 7.41 37.44
N ALA B 59 5.81 7.20 38.13
CA ALA B 59 7.13 7.20 37.54
C ALA B 59 8.05 6.97 38.71
N ARG B 60 9.31 7.27 38.56
CA ARG B 60 10.20 6.88 39.62
C ARG B 60 10.33 7.98 40.64
N SER B 61 10.63 9.20 40.18
CA SER B 61 10.82 10.33 41.09
C SER B 61 9.52 10.90 41.67
N LYS B 62 9.40 10.86 43.00
CA LYS B 62 8.25 11.37 43.72
C LYS B 62 8.17 12.91 43.84
N GLU B 63 9.30 13.61 43.77
CA GLU B 63 9.25 15.08 43.72
C GLU B 63 8.38 15.46 42.53
N THR B 64 8.98 15.52 41.33
CA THR B 64 8.26 15.76 40.06
C THR B 64 6.80 15.27 39.98
N LEU B 65 6.53 14.06 40.48
CA LEU B 65 5.17 13.54 40.48
C LEU B 65 4.22 14.43 41.34
N GLN B 66 4.66 14.80 42.54
CA GLN B 66 3.92 15.73 43.42
C GLN B 66 3.45 16.95 42.62
N LYS B 67 4.39 17.63 41.96
CA LYS B 67 4.11 18.78 41.11
C LYS B 67 2.93 18.52 40.18
N VAL B 68 3.01 17.40 39.47
CA VAL B 68 2.03 17.02 38.48
C VAL B 68 0.69 16.86 39.16
N VAL B 69 0.71 16.22 40.34
CA VAL B 69 -0.50 15.99 41.11
C VAL B 69 -1.14 17.32 41.53
N SER B 70 -0.32 18.34 41.73
CA SER B 70 -0.83 19.62 42.13
C SER B 70 -1.60 20.26 40.99
N HIS B 71 -0.92 20.46 39.86
CA HIS B 71 -1.54 21.07 38.70
C HIS B 71 -2.84 20.35 38.41
N CYS B 72 -2.81 19.00 38.44
CA CYS B 72 -4.00 18.18 38.15
C CYS B 72 -5.24 18.47 39.00
N LEU B 73 -5.03 18.56 40.30
CA LEU B 73 -6.08 18.96 41.25
C LEU B 73 -6.52 20.41 41.00
N GLU B 74 -5.58 21.30 40.67
CA GLU B 74 -5.95 22.71 40.40
C GLU B 74 -6.70 22.82 39.10
N LEU B 75 -6.43 21.87 38.20
CA LEU B 75 -6.98 21.90 36.86
C LEU B 75 -8.37 21.29 36.78
N GLY B 76 -8.75 20.44 37.75
CA GLY B 76 -10.13 19.97 37.82
C GLY B 76 -10.42 18.51 38.11
N ALA B 77 -9.39 17.70 38.36
CA ALA B 77 -9.53 16.25 38.52
C ALA B 77 -10.54 15.88 39.59
N ALA B 78 -11.42 14.92 39.33
CA ALA B 78 -12.27 14.37 40.40
C ALA B 78 -11.45 13.82 41.58
N SER B 79 -10.28 13.23 41.26
CA SER B 79 -9.22 12.94 42.22
C SER B 79 -7.90 12.69 41.48
N ALA B 80 -6.79 12.66 42.19
CA ALA B 80 -5.45 12.64 41.58
C ALA B 80 -4.47 12.19 42.63
N HIS B 81 -3.80 11.09 42.34
CA HIS B 81 -2.80 10.56 43.26
C HIS B 81 -1.48 10.36 42.53
N TYR B 82 -0.51 9.71 43.17
CA TYR B 82 0.72 9.26 42.51
C TYR B 82 1.29 8.19 43.36
N ILE B 83 2.00 7.26 42.73
CA ILE B 83 2.70 6.21 43.43
C ILE B 83 4.03 6.10 42.73
N ALA B 84 5.11 6.27 43.47
CA ALA B 84 6.43 6.29 42.84
C ALA B 84 7.05 4.92 42.84
N GLY B 85 7.78 4.59 41.78
CA GLY B 85 8.53 3.33 41.71
C GLY B 85 9.04 3.05 40.31
N THR B 86 10.09 2.24 40.22
CA THR B 86 10.59 1.71 38.97
C THR B 86 9.66 0.61 38.40
N MET B 87 9.42 0.68 37.11
CA MET B 87 8.77 -0.38 36.39
C MET B 87 9.82 -1.46 35.96
N GLU B 88 11.09 -1.28 36.37
CA GLU B 88 12.15 -2.32 36.28
C GLU B 88 11.77 -3.56 37.09
N ASP B 89 10.95 -3.34 38.10
CA ASP B 89 10.59 -4.34 39.06
C ASP B 89 9.13 -4.69 38.94
N MET B 90 8.91 -5.96 38.63
CA MET B 90 7.58 -6.41 38.28
C MET B 90 6.63 -6.49 39.48
N THR B 91 7.19 -6.56 40.70
CA THR B 91 6.34 -6.65 41.91
C THR B 91 5.53 -5.36 42.06
N PHE B 92 6.23 -4.25 41.92
CA PHE B 92 5.68 -2.92 41.96
C PHE B 92 4.59 -2.74 40.89
N ALA B 93 4.94 -3.01 39.64
CA ALA B 93 3.97 -3.01 38.57
C ALA B 93 2.66 -3.64 38.99
N GLU B 94 2.65 -4.92 39.39
CA GLU B 94 1.36 -5.54 39.78
C GLU B 94 0.77 -4.96 41.08
N GLN B 95 1.62 -4.51 42.00
CA GLN B 95 1.11 -3.80 43.19
C GLN B 95 0.58 -2.39 42.91
N PHE B 96 1.29 -1.63 42.07
CA PHE B 96 0.81 -0.31 41.66
C PHE B 96 -0.65 -0.36 41.17
N VAL B 97 -0.95 -1.31 40.28
CA VAL B 97 -2.29 -1.40 39.67
C VAL B 97 -3.35 -1.65 40.73
N ALA B 98 -3.11 -2.63 41.61
CA ALA B 98 -4.07 -2.97 42.66
C ALA B 98 -4.27 -1.80 43.60
N GLN B 99 -3.19 -1.08 43.87
CA GLN B 99 -3.22 0.05 44.78
C GLN B 99 -3.95 1.27 44.20
N ALA B 100 -3.79 1.47 42.89
CA ALA B 100 -4.40 2.58 42.15
C ALA B 100 -5.91 2.38 41.85
N GLY B 101 -6.32 1.14 41.63
CA GLY B 101 -7.73 0.83 41.43
C GLY B 101 -8.52 0.88 42.75
N LYS B 102 -7.79 0.73 43.85
CA LYS B 102 -8.30 1.03 45.18
C LYS B 102 -8.52 2.56 45.22
N LEU B 103 -7.44 3.32 45.15
CA LEU B 103 -7.47 4.80 45.21
C LEU B 103 -8.63 5.48 44.51
N MET B 104 -9.02 4.96 43.35
CA MET B 104 -10.10 5.56 42.57
C MET B 104 -11.35 4.68 42.57
N GLY B 105 -11.24 3.52 43.20
CA GLY B 105 -12.37 2.60 43.26
C GLY B 105 -12.75 2.04 41.89
N GLY B 106 -11.79 1.42 41.18
CA GLY B 106 -12.07 0.82 39.86
C GLY B 106 -11.32 1.50 38.74
N LEU B 107 -11.35 0.91 37.52
CA LEU B 107 -10.50 1.38 36.43
C LEU B 107 -11.10 1.34 35.00
N ASP B 108 -11.08 2.49 34.32
CA ASP B 108 -11.70 2.66 33.00
C ASP B 108 -10.74 2.67 31.83
N MET B 109 -9.55 3.23 32.05
CA MET B 109 -8.56 3.28 31.03
C MET B 109 -7.20 3.21 31.66
N LEU B 110 -6.28 2.58 30.92
CA LEU B 110 -4.92 2.37 31.34
C LEU B 110 -4.05 2.82 30.20
N ILE B 111 -3.34 3.92 30.41
CA ILE B 111 -2.36 4.43 29.43
C ILE B 111 -0.93 3.96 29.75
N LEU B 112 -0.40 3.08 28.90
CA LEU B 112 0.96 2.59 29.10
C LEU B 112 1.86 3.39 28.22
N ASN B 113 2.70 4.18 28.88
CA ASN B 113 3.46 5.24 28.24
C ASN B 113 4.98 5.22 28.59
N HIS B 114 5.35 4.77 29.78
CA HIS B 114 6.76 4.81 30.25
C HIS B 114 7.81 4.09 29.36
N ILE B 115 9.07 4.47 29.53
CA ILE B 115 10.15 3.84 28.80
C ILE B 115 11.43 4.09 29.53
N THR B 116 12.39 3.20 29.34
CA THR B 116 13.68 3.32 29.98
C THR B 116 14.54 4.32 29.26
N ASN B 117 15.29 5.10 30.03
CA ASN B 117 16.27 6.06 29.46
C ASN B 117 17.05 5.42 28.34
N THR B 118 17.00 6.07 27.18
CA THR B 118 17.70 5.61 26.01
C THR B 118 18.44 6.82 25.49
N SER B 119 19.48 6.58 24.71
CA SER B 119 20.14 7.63 23.96
C SER B 119 20.21 7.20 22.51
N LEU B 120 20.41 8.13 21.58
CA LEU B 120 20.81 7.72 20.25
C LEU B 120 22.30 7.34 20.25
N ASN B 121 22.60 6.07 19.98
CA ASN B 121 23.99 5.58 19.84
C ASN B 121 23.98 4.27 19.01
N LEU B 122 25.10 3.98 18.37
CA LEU B 122 25.29 2.74 17.60
C LEU B 122 25.34 1.51 18.49
N PHE B 123 24.91 0.36 17.98
CA PHE B 123 24.95 -0.84 18.81
C PHE B 123 26.29 -1.60 18.70
N HIS B 124 26.96 -1.65 19.84
CA HIS B 124 28.20 -2.40 20.02
CA HIS B 124 28.18 -2.41 20.01
C HIS B 124 28.08 -3.05 21.38
N ASP B 125 27.49 -4.26 21.42
CA ASP B 125 27.48 -5.05 22.66
C ASP B 125 26.79 -4.56 23.98
N ASP B 126 25.78 -3.70 23.94
CA ASP B 126 25.08 -3.36 25.18
C ASP B 126 23.91 -4.28 25.37
N ILE B 127 24.16 -5.45 25.96
CA ILE B 127 23.13 -6.46 26.18
C ILE B 127 22.41 -6.14 27.49
N HIS B 128 23.00 -5.23 28.26
CA HIS B 128 22.35 -4.74 29.47
C HIS B 128 21.21 -3.82 29.03
N HIS B 129 21.47 -3.01 28.02
CA HIS B 129 20.47 -2.05 27.58
C HIS B 129 19.32 -2.76 26.85
N VAL B 130 19.70 -3.76 26.06
CA VAL B 130 18.71 -4.52 25.28
C VAL B 130 17.74 -5.23 26.20
N ARG B 131 18.25 -6.02 27.13
CA ARG B 131 17.40 -6.66 28.16
C ARG B 131 16.56 -5.65 28.95
N LYS B 132 17.20 -4.58 29.42
CA LYS B 132 16.52 -3.54 30.17
C LYS B 132 15.36 -2.89 29.39
N SER B 133 15.60 -2.47 28.13
CA SER B 133 14.54 -2.04 27.22
C SER B 133 13.40 -3.04 27.18
N MET B 134 13.76 -4.32 26.99
CA MET B 134 12.74 -5.35 26.90
C MET B 134 11.98 -5.47 28.22
N GLU B 135 12.67 -5.30 29.31
CA GLU B 135 12.00 -5.53 30.57
C GLU B 135 11.00 -4.39 30.81
N VAL B 136 11.50 -3.14 30.81
CA VAL B 136 10.75 -1.91 31.11
C VAL B 136 9.76 -1.49 30.04
N ASN B 137 10.22 -1.49 28.79
CA ASN B 137 9.40 -0.97 27.68
C ASN B 137 8.36 -1.98 27.17
N PHE B 138 8.51 -3.27 27.51
CA PHE B 138 7.64 -4.30 26.98
C PHE B 138 7.05 -5.20 28.05
N LEU B 139 7.93 -5.95 28.70
CA LEU B 139 7.43 -6.84 29.73
C LEU B 139 6.58 -6.14 30.80
N SER B 140 7.02 -4.99 31.35
CA SER B 140 6.14 -4.27 32.28
C SER B 140 4.74 -3.98 31.72
N TYR B 141 4.67 -3.53 30.45
CA TYR B 141 3.35 -3.31 29.87
C TYR B 141 2.45 -4.50 30.07
N VAL B 142 2.92 -5.71 29.68
CA VAL B 142 2.15 -6.94 29.80
C VAL B 142 1.72 -7.19 31.28
N VAL B 143 2.70 -7.19 32.18
CA VAL B 143 2.44 -7.27 33.62
C VAL B 143 1.30 -6.32 34.07
N LEU B 144 1.45 -5.02 33.81
CA LEU B 144 0.41 -4.00 34.17
C LEU B 144 -0.95 -4.33 33.57
N THR B 145 -0.93 -4.72 32.29
CA THR B 145 -2.13 -5.11 31.57
C THR B 145 -2.75 -6.32 32.23
N VAL B 146 -1.95 -7.35 32.48
CA VAL B 146 -2.46 -8.52 33.24
C VAL B 146 -3.16 -8.05 34.50
N ALA B 147 -2.49 -7.21 35.29
CA ALA B 147 -3.02 -6.75 36.57
C ALA B 147 -4.27 -5.87 36.44
N ALA B 148 -4.44 -5.18 35.31
CA ALA B 148 -5.52 -4.19 35.14
C ALA B 148 -6.74 -4.81 34.52
N LEU B 149 -6.49 -5.90 33.81
CA LEU B 149 -7.51 -6.55 33.02
C LEU B 149 -8.77 -6.85 33.82
N PRO B 150 -8.64 -7.45 35.03
CA PRO B 150 -9.90 -7.75 35.74
C PRO B 150 -10.81 -6.52 35.83
N MET B 151 -10.34 -5.45 36.50
CA MET B 151 -11.07 -4.17 36.58
C MET B 151 -11.50 -3.67 35.22
N LEU B 152 -10.57 -3.55 34.28
CA LEU B 152 -10.94 -3.12 32.92
C LEU B 152 -12.13 -3.87 32.37
N LYS B 153 -12.13 -5.20 32.49
CA LYS B 153 -13.27 -5.95 31.99
C LYS B 153 -14.56 -5.28 32.50
N GLN B 154 -14.74 -5.27 33.83
CA GLN B 154 -15.95 -4.83 34.52
C GLN B 154 -16.41 -3.38 34.33
N SER B 155 -15.61 -2.58 33.62
CA SER B 155 -15.91 -1.19 33.26
C SER B 155 -15.98 -1.02 31.74
N ASN B 156 -15.62 -2.08 31.02
CA ASN B 156 -15.48 -2.01 29.58
C ASN B 156 -14.48 -0.93 29.18
N GLY B 157 -13.42 -0.86 29.98
CA GLY B 157 -12.37 0.09 29.75
C GLY B 157 -11.53 -0.12 28.52
N SER B 158 -10.28 0.31 28.63
CA SER B 158 -9.46 0.52 27.47
C SER B 158 -7.98 0.57 27.79
N ILE B 159 -7.19 -0.16 27.02
CA ILE B 159 -5.74 -0.08 27.11
C ILE B 159 -5.28 0.87 26.04
N VAL B 160 -4.38 1.75 26.43
CA VAL B 160 -3.66 2.50 25.43
C VAL B 160 -2.19 2.25 25.64
N VAL B 161 -1.48 2.19 24.53
CA VAL B 161 -0.11 1.79 24.47
C VAL B 161 0.59 2.77 23.56
N VAL B 162 1.73 3.24 24.00
CA VAL B 162 2.36 4.29 23.26
C VAL B 162 3.59 3.78 22.57
N SER B 163 3.62 3.96 21.26
CA SER B 163 4.69 3.42 20.43
C SER B 163 5.21 4.51 19.47
N SER B 164 5.75 4.14 18.31
CA SER B 164 6.69 4.99 17.63
C SER B 164 6.88 4.59 16.19
N LEU B 165 7.32 5.52 15.35
CA LEU B 165 7.93 5.17 14.05
C LEU B 165 8.85 3.95 14.22
N ALA B 166 9.88 4.10 15.03
CA ALA B 166 10.82 2.99 15.27
C ALA B 166 10.14 1.67 15.68
N GLY B 167 8.85 1.73 16.04
CA GLY B 167 8.07 0.53 16.37
C GLY B 167 7.29 -0.02 15.19
N LYS B 168 7.36 0.70 14.07
CA LYS B 168 6.77 0.29 12.79
C LYS B 168 7.79 0.21 11.67
N VAL B 169 8.82 1.04 11.69
CA VAL B 169 9.88 0.93 10.66
C VAL B 169 11.26 0.96 11.30
N ALA B 170 12.28 0.45 10.59
CA ALA B 170 13.61 0.34 11.20
C ALA B 170 14.33 1.70 11.37
N TYR B 171 15.36 1.76 12.23
CA TYR B 171 16.18 2.99 12.50
C TYR B 171 17.53 2.76 13.14
N PRO B 172 18.58 3.40 12.59
CA PRO B 172 19.95 3.13 13.03
C PRO B 172 20.29 3.41 14.52
N MET B 173 19.75 4.45 15.13
CA MET B 173 20.29 4.81 16.45
C MET B 173 19.66 4.12 17.65
N VAL B 174 18.67 3.27 17.42
CA VAL B 174 17.73 2.93 18.46
C VAL B 174 17.23 1.48 18.43
N ALA B 175 18.12 0.54 18.08
CA ALA B 175 17.78 -0.90 17.96
C ALA B 175 17.08 -1.50 19.15
N ALA B 176 17.68 -1.38 20.33
CA ALA B 176 17.10 -1.97 21.53
C ALA B 176 15.70 -1.42 21.72
N TYR B 177 15.51 -0.15 21.39
CA TYR B 177 14.25 0.56 21.59
C TYR B 177 13.21 0.09 20.58
N SER B 178 13.67 -0.03 19.32
CA SER B 178 12.82 -0.53 18.24
C SER B 178 12.25 -1.90 18.56
N ALA B 179 13.13 -2.79 19.02
CA ALA B 179 12.75 -4.16 19.34
C ALA B 179 11.63 -4.12 20.32
N SER B 180 11.75 -3.23 21.29
CA SER B 180 10.80 -3.21 22.38
C SER B 180 9.49 -2.71 21.82
N LYS B 181 9.56 -1.68 20.96
CA LYS B 181 8.34 -1.09 20.39
C LYS B 181 7.65 -2.02 19.47
N PHE B 182 8.39 -2.57 18.52
CA PHE B 182 7.90 -3.66 17.67
C PHE B 182 7.21 -4.73 18.52
N ALA B 183 7.87 -5.20 19.56
CA ALA B 183 7.27 -6.21 20.43
C ALA B 183 5.85 -5.87 20.93
N LEU B 184 5.60 -4.60 21.26
CA LEU B 184 4.25 -4.18 21.69
C LEU B 184 3.25 -4.47 20.58
N ASP B 185 3.64 -4.14 19.34
CA ASP B 185 2.69 -4.24 18.24
C ASP B 185 2.27 -5.71 18.19
N GLY B 186 3.25 -6.57 17.95
CA GLY B 186 3.05 -7.98 17.95
C GLY B 186 2.30 -8.48 19.15
N PHE B 187 2.70 -8.06 20.35
CA PHE B 187 1.98 -8.59 21.50
C PHE B 187 0.53 -8.10 21.61
N PHE B 188 0.31 -6.80 21.58
CA PHE B 188 -1.05 -6.30 21.77
C PHE B 188 -1.99 -6.53 20.55
N SER B 189 -1.45 -6.44 19.35
CA SER B 189 -2.28 -6.65 18.18
C SER B 189 -2.76 -8.08 18.21
N SER B 190 -1.89 -8.96 18.65
CA SER B 190 -2.21 -10.36 18.62
C SER B 190 -3.08 -10.67 19.83
N ILE B 191 -2.94 -9.85 20.87
CA ILE B 191 -3.91 -9.92 21.97
C ILE B 191 -5.27 -9.34 21.55
N ARG B 192 -5.26 -8.36 20.65
CA ARG B 192 -6.51 -7.71 20.28
C ARG B 192 -7.46 -8.69 19.60
N LYS B 193 -6.91 -9.44 18.64
CA LYS B 193 -7.58 -10.59 18.09
C LYS B 193 -8.17 -11.43 19.21
N GLU B 194 -7.33 -11.98 20.08
CA GLU B 194 -7.90 -12.86 21.11
C GLU B 194 -9.14 -12.21 21.75
N TYR B 195 -9.13 -10.90 21.94
CA TYR B 195 -10.21 -10.27 22.66
C TYR B 195 -11.52 -10.34 21.91
N SER B 196 -11.49 -10.01 20.61
CA SER B 196 -12.63 -10.16 19.68
C SER B 196 -13.42 -11.46 19.82
N VAL B 197 -12.71 -12.57 19.60
CA VAL B 197 -13.24 -13.93 19.69
C VAL B 197 -13.63 -14.31 21.12
N SER B 198 -12.86 -13.84 22.08
CA SER B 198 -13.07 -14.09 23.50
C SER B 198 -14.37 -13.42 23.99
N ARG B 199 -15.02 -12.68 23.08
CA ARG B 199 -16.02 -11.67 23.47
C ARG B 199 -15.54 -10.79 24.63
N VAL B 200 -14.24 -10.52 24.69
CA VAL B 200 -13.68 -9.57 25.66
C VAL B 200 -13.86 -8.14 25.14
N ASN B 201 -14.54 -7.34 25.94
CA ASN B 201 -15.00 -5.99 25.56
C ASN B 201 -14.08 -4.91 26.20
N VAL B 202 -12.80 -5.02 25.91
CA VAL B 202 -11.83 -4.06 26.43
C VAL B 202 -11.10 -3.67 25.18
N SER B 203 -10.92 -2.37 24.97
CA SER B 203 -10.34 -1.88 23.71
C SER B 203 -8.85 -1.72 23.84
N ILE B 204 -8.15 -1.96 22.74
CA ILE B 204 -6.70 -1.86 22.68
C ILE B 204 -6.28 -0.87 21.61
N THR B 205 -5.68 0.23 22.04
CA THR B 205 -5.31 1.28 21.10
C THR B 205 -3.82 1.40 21.05
N LEU B 206 -3.22 1.36 19.86
CA LEU B 206 -1.77 1.53 19.75
C LEU B 206 -1.38 2.90 19.18
N CYS B 207 -0.56 3.66 19.89
CA CYS B 207 -0.18 4.98 19.40
C CYS B 207 1.20 5.06 18.73
N VAL B 208 1.20 5.33 17.44
CA VAL B 208 2.42 5.45 16.67
C VAL B 208 2.63 6.92 16.47
N LEU B 209 3.78 7.42 16.94
CA LEU B 209 4.12 8.81 16.98
C LEU B 209 5.43 9.02 16.27
N GLY B 210 5.55 10.14 15.56
CA GLY B 210 6.81 10.57 15.00
C GLY B 210 7.48 11.35 16.10
N LEU B 211 8.51 12.13 15.74
CA LEU B 211 9.16 13.02 16.70
C LEU B 211 8.23 14.01 17.38
N ILE B 212 8.35 14.07 18.71
CA ILE B 212 7.49 14.87 19.58
C ILE B 212 8.42 15.70 20.50
N ASP B 213 8.06 16.96 20.77
CA ASP B 213 8.90 17.88 21.52
C ASP B 213 8.85 17.69 23.03
N THR B 214 9.77 16.86 23.50
CA THR B 214 9.90 16.56 24.91
C THR B 214 11.32 16.91 25.30
N GLU B 215 11.45 17.45 26.50
CA GLU B 215 12.77 17.66 27.11
C GLU B 215 13.67 16.54 26.62
N THR B 216 13.25 15.31 26.90
CA THR B 216 14.05 14.11 26.71
C THR B 216 14.34 13.84 25.25
N ALA B 217 13.30 13.82 24.42
CA ALA B 217 13.50 13.53 22.99
C ALA B 217 14.53 14.48 22.35
N MET B 218 14.36 15.78 22.61
CA MET B 218 15.26 16.80 22.10
C MET B 218 16.65 16.57 22.64
N LYS B 219 16.77 16.36 23.95
CA LYS B 219 18.07 16.10 24.57
C LYS B 219 18.81 15.02 23.79
N ALA B 220 18.06 14.05 23.27
CA ALA B 220 18.68 12.87 22.65
C ALA B 220 18.80 12.96 21.13
N VAL B 221 18.26 14.00 20.51
CA VAL B 221 18.27 14.08 19.04
C VAL B 221 18.72 15.40 18.39
N SER B 222 18.95 16.44 19.20
CA SER B 222 18.96 17.84 18.71
C SER B 222 20.15 18.33 17.86
N GLY B 223 21.08 17.45 17.56
CA GLY B 223 22.16 17.75 16.64
C GLY B 223 22.36 16.62 15.65
N ILE B 224 21.46 15.63 15.69
CA ILE B 224 21.53 14.48 14.79
C ILE B 224 20.36 14.47 13.80
N VAL B 225 19.14 14.58 14.32
CA VAL B 225 17.90 14.46 13.56
C VAL B 225 17.41 15.82 13.08
N HIS B 226 16.94 15.89 11.83
CA HIS B 226 16.56 17.17 11.22
C HIS B 226 15.07 17.48 11.28
N MET B 227 14.24 16.48 11.56
CA MET B 227 12.78 16.66 11.52
C MET B 227 12.25 17.80 12.37
N GLN B 228 11.10 18.34 11.98
CA GLN B 228 10.36 19.22 12.88
C GLN B 228 9.53 18.33 13.81
N ALA B 229 9.57 18.63 15.11
CA ALA B 229 8.84 17.86 16.12
C ALA B 229 7.52 18.52 16.45
N ALA B 230 6.51 17.70 16.73
CA ALA B 230 5.16 18.18 17.03
C ALA B 230 4.97 18.64 18.50
N PRO B 231 3.96 19.51 18.76
CA PRO B 231 3.68 19.92 20.15
C PRO B 231 3.31 18.74 21.07
N LYS B 232 3.96 18.66 22.22
CA LYS B 232 3.63 17.65 23.22
C LYS B 232 2.18 17.73 23.67
N GLU B 233 1.61 18.94 23.68
CA GLU B 233 0.29 19.13 24.25
C GLU B 233 -0.81 18.48 23.42
N GLU B 234 -0.66 18.54 22.10
CA GLU B 234 -1.68 18.10 21.17
C GLU B 234 -1.59 16.59 21.01
N CYS B 235 -0.35 16.13 20.91
CA CYS B 235 -0.01 14.73 20.95
C CYS B 235 -0.81 13.99 22.02
N ALA B 236 -0.74 14.53 23.23
CA ALA B 236 -1.37 13.95 24.39
C ALA B 236 -2.85 13.86 24.22
N LEU B 237 -3.46 14.88 23.60
CA LEU B 237 -4.91 14.90 23.47
C LEU B 237 -5.38 13.88 22.42
N GLU B 238 -4.66 13.80 21.30
CA GLU B 238 -4.92 12.77 20.28
C GLU B 238 -4.90 11.33 20.86
N ILE B 239 -3.99 11.07 21.82
CA ILE B 239 -3.90 9.77 22.48
C ILE B 239 -5.13 9.52 23.36
N ILE B 240 -5.47 10.48 24.19
CA ILE B 240 -6.68 10.36 25.00
C ILE B 240 -7.92 10.11 24.15
N LYS B 241 -8.03 10.82 23.04
CA LYS B 241 -9.20 10.71 22.16
C LYS B 241 -9.23 9.37 21.47
N GLY B 242 -8.10 9.00 20.86
CA GLY B 242 -7.96 7.72 20.20
C GLY B 242 -8.44 6.57 21.08
N GLY B 243 -8.01 6.59 22.33
CA GLY B 243 -8.45 5.64 23.34
C GLY B 243 -9.91 5.83 23.72
N ALA B 244 -10.36 7.07 23.83
CA ALA B 244 -11.77 7.32 24.15
C ALA B 244 -12.65 6.79 23.03
N LEU B 245 -12.24 7.03 21.78
CA LEU B 245 -12.99 6.54 20.61
C LEU B 245 -12.71 5.06 20.28
N ARG B 246 -11.99 4.36 21.16
CA ARG B 246 -11.66 2.92 21.02
C ARG B 246 -11.06 2.50 19.67
N GLN B 247 -10.19 3.35 19.17
CA GLN B 247 -9.55 3.09 17.91
C GLN B 247 -8.45 2.06 18.08
N GLU B 248 -7.86 1.63 16.98
CA GLU B 248 -6.90 0.57 17.05
C GLU B 248 -5.54 1.16 16.91
N GLU B 249 -5.41 2.15 16.04
CA GLU B 249 -4.17 2.88 15.94
C GLU B 249 -4.39 4.40 15.93
N VAL B 250 -3.43 5.14 16.48
CA VAL B 250 -3.43 6.61 16.41
C VAL B 250 -2.10 7.02 15.80
N TYR B 251 -2.14 7.82 14.74
CA TYR B 251 -0.92 8.26 14.10
C TYR B 251 -0.79 9.74 14.33
N TYR B 252 0.39 10.17 14.73
CA TYR B 252 0.60 11.56 14.98
C TYR B 252 2.05 11.91 14.73
N ASP B 253 2.25 12.87 13.84
CA ASP B 253 3.56 13.35 13.38
C ASP B 253 3.29 14.74 12.79
N SER B 254 4.24 15.64 12.97
CA SER B 254 4.16 16.98 12.39
C SER B 254 3.72 16.91 10.91
N SER B 255 4.34 15.98 10.17
CA SER B 255 4.01 15.70 8.76
C SER B 255 2.64 15.03 8.54
N LEU B 256 2.27 14.87 7.27
CA LEU B 256 1.09 14.11 6.86
C LEU B 256 1.46 13.06 5.81
N TRP B 257 2.57 13.31 5.10
CA TRP B 257 3.22 12.28 4.29
C TRP B 257 3.34 11.00 5.16
N THR B 258 4.17 11.09 6.21
CA THR B 258 4.36 10.03 7.20
C THR B 258 3.04 9.47 7.76
N THR B 259 2.20 10.34 8.32
CA THR B 259 0.99 9.91 9.03
C THR B 259 0.02 9.07 8.19
N LEU B 260 0.33 8.90 6.91
CA LEU B 260 -0.50 8.12 5.98
C LEU B 260 0.21 6.85 5.48
N LEU B 261 1.54 6.82 5.60
CA LEU B 261 2.31 5.68 5.11
C LEU B 261 2.35 4.50 6.10
N ILE B 262 2.47 4.82 7.38
CA ILE B 262 2.61 3.81 8.45
C ILE B 262 1.41 2.87 8.56
N ARG B 263 0.33 3.22 7.86
CA ARG B 263 -0.81 2.34 7.80
C ARG B 263 -0.38 1.31 6.77
N ASN B 264 -0.65 0.04 7.06
CA ASN B 264 -0.16 -1.04 6.21
C ASN B 264 -1.27 -2.04 5.82
N PRO B 265 -1.88 -1.82 4.65
CA PRO B 265 -3.12 -2.49 4.32
C PRO B 265 -2.90 -3.94 3.89
N SER B 266 -1.68 -4.24 3.46
CA SER B 266 -1.26 -5.62 3.16
C SER B 266 -1.57 -6.46 4.39
N ARG B 267 -1.21 -5.87 5.54
CA ARG B 267 -1.46 -6.43 6.85
C ARG B 267 -2.94 -6.48 7.13
N LYS B 268 -3.64 -5.37 6.91
CA LYS B 268 -5.09 -5.39 7.09
C LYS B 268 -5.68 -6.57 6.34
N ILE B 269 -5.31 -6.73 5.06
CA ILE B 269 -5.79 -7.85 4.23
C ILE B 269 -5.48 -9.19 4.87
N LEU B 270 -4.18 -9.54 4.90
CA LEU B 270 -3.68 -10.86 5.32
C LEU B 270 -4.33 -11.32 6.61
N GLU B 271 -4.47 -10.39 7.55
CA GLU B 271 -5.13 -10.66 8.83
C GLU B 271 -6.60 -10.99 8.58
N PHE B 272 -7.25 -10.19 7.74
CA PHE B 272 -8.63 -10.45 7.35
C PHE B 272 -8.77 -11.83 6.72
N LEU B 273 -7.88 -12.11 5.77
CA LEU B 273 -7.81 -13.44 5.18
C LEU B 273 -7.66 -14.49 6.28
N TYR B 274 -6.46 -14.55 6.86
CA TYR B 274 -6.13 -15.51 7.91
C TYR B 274 -7.04 -15.45 9.12
N SER B 275 -7.97 -14.50 9.09
CA SER B 275 -9.04 -14.39 10.08
C SER B 275 -9.93 -15.62 10.06
N THR B 276 -9.96 -16.32 8.92
CA THR B 276 -10.82 -17.48 8.77
C THR B 276 -10.07 -18.75 8.32
N SER B 277 -8.86 -18.92 8.85
CA SER B 277 -8.07 -20.17 8.76
C SER B 277 -8.37 -21.06 9.97
N TYR B 278 -9.34 -20.62 10.77
CA TYR B 278 -9.76 -21.26 12.01
C TYR B 278 -11.06 -20.55 12.40
N ASN B 279 -12.02 -21.29 12.91
CA ASN B 279 -13.17 -20.72 13.66
C ASN B 279 -13.55 -21.63 14.85
N MET B 280 -12.51 -22.17 15.47
CA MET B 280 -12.63 -23.09 16.60
C MET B 280 -12.19 -22.41 17.89
N ASP B 281 -12.79 -22.84 19.01
CA ASP B 281 -12.31 -22.47 20.34
C ASP B 281 -11.02 -23.23 20.67
N GLN C 15 22.87 -4.14 -0.32
CA GLN C 15 22.39 -4.54 -1.68
C GLN C 15 22.88 -5.94 -2.07
N PRO C 16 21.94 -6.91 -2.29
CA PRO C 16 22.32 -8.24 -2.80
C PRO C 16 23.09 -8.17 -4.14
N LEU C 17 24.09 -9.05 -4.31
CA LEU C 17 25.01 -9.01 -5.47
C LEU C 17 24.31 -9.13 -6.85
N ASN C 18 25.06 -9.07 -7.94
CA ASN C 18 24.46 -9.15 -9.28
C ASN C 18 24.06 -10.59 -9.66
N GLU C 19 24.99 -11.51 -9.43
CA GLU C 19 24.86 -12.95 -9.75
C GLU C 19 23.82 -13.70 -8.84
N GLU C 20 23.51 -14.97 -9.16
CA GLU C 20 22.46 -15.75 -8.48
C GLU C 20 22.89 -17.19 -8.07
N PHE C 21 22.19 -17.75 -7.07
CA PHE C 21 22.64 -18.93 -6.28
C PHE C 21 23.13 -20.22 -6.96
N ARG C 22 24.25 -20.71 -6.46
CA ARG C 22 24.85 -21.95 -6.93
C ARG C 22 25.48 -22.70 -5.74
N PRO C 23 24.95 -23.89 -5.39
CA PRO C 23 25.43 -24.76 -4.30
C PRO C 23 26.86 -24.51 -3.82
N GLU C 24 27.79 -24.49 -4.77
CA GLU C 24 29.24 -24.28 -4.52
C GLU C 24 29.61 -23.08 -3.64
N MET C 25 28.71 -22.12 -3.51
CA MET C 25 28.95 -20.94 -2.70
C MET C 25 29.07 -21.29 -1.22
N LEU C 26 28.71 -22.53 -0.88
CA LEU C 26 28.64 -22.99 0.50
C LEU C 26 29.78 -23.91 0.92
N GLN C 27 30.27 -24.70 -0.02
CA GLN C 27 31.39 -25.63 0.22
C GLN C 27 32.67 -24.95 0.75
N GLY C 28 33.09 -25.30 1.97
CA GLY C 28 34.23 -24.65 2.60
C GLY C 28 33.85 -23.39 3.36
N LYS C 29 32.58 -23.29 3.71
CA LYS C 29 32.08 -22.19 4.53
C LYS C 29 31.64 -22.71 5.90
N LYS C 30 32.26 -22.19 6.94
CA LYS C 30 31.93 -22.60 8.30
C LYS C 30 30.59 -21.97 8.71
N VAL C 31 29.62 -22.82 8.99
CA VAL C 31 28.30 -22.34 9.34
C VAL C 31 27.88 -22.84 10.70
N ILE C 32 27.14 -22.00 11.44
CA ILE C 32 26.44 -22.39 12.68
C ILE C 32 24.94 -22.44 12.42
N VAL C 33 24.28 -23.41 13.03
CA VAL C 33 22.84 -23.61 12.89
C VAL C 33 22.25 -23.90 14.28
N THR C 34 21.37 -23.03 14.76
CA THR C 34 20.79 -23.28 16.08
C THR C 34 19.43 -23.89 15.89
N GLY C 35 18.90 -24.48 16.94
CA GLY C 35 17.71 -25.30 16.79
C GLY C 35 17.84 -26.34 15.68
N ALA C 36 19.02 -26.96 15.54
CA ALA C 36 19.29 -27.88 14.44
C ALA C 36 19.08 -29.30 14.93
N SER C 37 18.32 -29.40 16.01
CA SER C 37 17.90 -30.66 16.54
C SER C 37 16.79 -31.21 15.65
N LYS C 38 15.75 -30.42 15.41
CA LYS C 38 14.52 -30.95 14.85
C LYS C 38 14.19 -30.39 13.47
N GLY C 39 13.01 -29.78 13.32
CA GLY C 39 12.45 -29.48 12.00
C GLY C 39 13.35 -28.77 11.02
N ILE C 40 13.14 -27.48 10.87
CA ILE C 40 13.80 -26.71 9.83
C ILE C 40 15.30 -26.71 10.13
N GLY C 41 15.62 -26.76 11.42
CA GLY C 41 17.01 -26.85 11.86
C GLY C 41 17.75 -28.03 11.23
N ARG C 42 17.38 -29.24 11.63
CA ARG C 42 17.91 -30.51 11.10
C ARG C 42 18.10 -30.46 9.56
N GLU C 43 17.02 -30.06 8.88
CA GLU C 43 16.99 -29.90 7.43
C GLU C 43 18.06 -28.96 6.94
N MET C 44 18.10 -27.73 7.47
CA MET C 44 19.08 -26.75 7.04
C MET C 44 20.51 -27.30 7.08
N ALA C 45 20.85 -27.98 8.16
CA ALA C 45 22.14 -28.60 8.29
C ALA C 45 22.37 -29.79 7.33
N TYR C 46 21.31 -30.50 6.95
CA TYR C 46 21.46 -31.59 5.95
C TYR C 46 21.81 -31.01 4.60
N HIS C 47 21.06 -30.00 4.20
CA HIS C 47 21.37 -29.29 2.98
C HIS C 47 22.81 -28.91 3.06
N LEU C 48 23.18 -28.28 4.17
CA LEU C 48 24.52 -27.73 4.31
C LEU C 48 25.60 -28.80 4.21
N ALA C 49 25.39 -29.91 4.93
CA ALA C 49 26.27 -31.08 4.93
C ALA C 49 26.52 -31.65 3.53
N LYS C 50 25.50 -31.60 2.67
CA LYS C 50 25.63 -32.05 1.28
C LYS C 50 26.43 -31.08 0.40
N MET C 51 26.49 -29.80 0.76
CA MET C 51 27.23 -28.85 -0.08
C MET C 51 28.69 -28.75 0.40
N GLY C 52 29.04 -29.56 1.39
CA GLY C 52 30.38 -29.56 1.97
C GLY C 52 30.74 -28.22 2.61
N ALA C 53 29.84 -27.73 3.45
CA ALA C 53 30.13 -26.62 4.36
C ALA C 53 30.67 -27.21 5.67
N HIS C 54 31.55 -26.47 6.36
CA HIS C 54 31.93 -26.83 7.74
C HIS C 54 30.75 -26.46 8.69
N VAL C 55 30.14 -27.44 9.34
CA VAL C 55 28.92 -27.13 10.14
C VAL C 55 28.88 -27.57 11.62
N VAL C 56 28.55 -26.61 12.48
CA VAL C 56 28.35 -26.82 13.91
C VAL C 56 26.91 -26.50 14.29
N VAL C 57 26.31 -27.45 14.97
CA VAL C 57 24.89 -27.43 15.27
C VAL C 57 24.65 -27.45 16.78
N THR C 58 23.42 -27.10 17.18
CA THR C 58 23.11 -26.96 18.60
C THR C 58 21.65 -27.04 18.94
N ALA C 59 21.40 -27.40 20.19
CA ALA C 59 20.08 -27.47 20.77
C ALA C 59 20.35 -28.04 22.14
N ARG C 60 19.31 -28.54 22.81
CA ARG C 60 19.51 -29.07 24.16
C ARG C 60 19.82 -30.54 24.16
N SER C 61 19.16 -31.29 23.27
CA SER C 61 19.21 -32.77 23.27
C SER C 61 20.54 -33.32 22.72
N LYS C 62 21.35 -33.93 23.59
CA LYS C 62 22.66 -34.36 23.12
C LYS C 62 22.42 -35.60 22.25
N GLU C 63 21.50 -36.45 22.72
CA GLU C 63 20.99 -37.57 21.95
C GLU C 63 20.70 -37.24 20.47
N THR C 64 19.77 -36.33 20.21
CA THR C 64 19.37 -36.07 18.84
C THR C 64 20.51 -35.46 18.01
N LEU C 65 21.29 -34.57 18.61
CA LEU C 65 22.32 -33.83 17.86
C LEU C 65 23.39 -34.80 17.43
N GLN C 66 23.56 -35.88 18.21
CA GLN C 66 24.41 -36.99 17.80
C GLN C 66 23.99 -37.55 16.45
N LYS C 67 22.69 -37.78 16.25
CA LYS C 67 22.18 -38.28 14.96
C LYS C 67 22.45 -37.34 13.79
N VAL C 68 22.13 -36.06 13.98
CA VAL C 68 22.28 -35.04 12.94
C VAL C 68 23.73 -35.00 12.52
N VAL C 69 24.62 -35.20 13.49
CA VAL C 69 26.05 -35.06 13.23
C VAL C 69 26.60 -36.17 12.32
N SER C 70 26.17 -37.40 12.53
CA SER C 70 26.58 -38.52 11.69
C SER C 70 26.01 -38.37 10.29
N HIS C 71 24.68 -38.29 10.22
CA HIS C 71 23.99 -38.03 8.97
C HIS C 71 24.73 -36.97 8.15
N CYS C 72 25.20 -35.92 8.81
CA CYS C 72 25.86 -34.79 8.15
C CYS C 72 27.20 -35.19 7.58
N LEU C 73 27.94 -35.98 8.37
CA LEU C 73 29.18 -36.59 7.88
C LEU C 73 28.86 -37.38 6.60
N GLU C 74 27.88 -38.30 6.68
CA GLU C 74 27.51 -39.12 5.51
C GLU C 74 27.24 -38.29 4.26
N LEU C 75 26.66 -37.11 4.41
CA LEU C 75 26.32 -36.31 3.22
C LEU C 75 27.51 -35.47 2.76
N GLY C 76 28.62 -35.58 3.46
CA GLY C 76 29.84 -35.00 2.97
C GLY C 76 30.01 -33.58 3.44
N ALA C 77 29.84 -33.39 4.75
CA ALA C 77 30.20 -32.17 5.39
C ALA C 77 31.71 -32.18 5.64
N ALA C 78 32.35 -31.05 5.35
CA ALA C 78 33.77 -30.88 5.68
C ALA C 78 34.06 -31.07 7.20
N SER C 79 33.14 -30.64 8.07
CA SER C 79 33.18 -30.92 9.52
C SER C 79 31.80 -30.80 10.20
N ALA C 80 31.45 -31.80 11.00
CA ALA C 80 30.17 -31.84 11.68
C ALA C 80 30.34 -32.21 13.16
N HIS C 81 30.13 -31.22 14.04
CA HIS C 81 30.26 -31.36 15.50
C HIS C 81 29.12 -30.66 16.19
N TYR C 82 28.77 -31.10 17.39
CA TYR C 82 27.72 -30.43 18.13
C TYR C 82 28.17 -29.91 19.50
N ILE C 83 27.48 -28.87 19.96
CA ILE C 83 27.63 -28.41 21.33
C ILE C 83 26.24 -28.22 21.85
N ALA C 84 25.98 -28.79 23.01
CA ALA C 84 24.65 -28.96 23.49
C ALA C 84 24.42 -28.04 24.66
N GLY C 85 23.23 -27.41 24.70
CA GLY C 85 22.92 -26.43 25.75
C GLY C 85 21.62 -25.66 25.59
N THR C 86 21.20 -25.00 26.66
CA THR C 86 19.98 -24.23 26.64
C THR C 86 20.27 -22.75 26.44
N MET C 87 19.71 -22.27 25.34
CA MET C 87 19.82 -20.89 24.95
C MET C 87 19.01 -20.04 25.92
N GLU C 88 18.42 -20.74 26.90
CA GLU C 88 17.77 -20.07 27.99
C GLU C 88 18.82 -19.39 28.87
N ASP C 89 20.07 -19.69 28.61
CA ASP C 89 21.21 -19.26 29.38
C ASP C 89 22.22 -18.55 28.48
N MET C 90 22.47 -17.30 28.78
CA MET C 90 23.22 -16.44 27.89
C MET C 90 24.74 -16.67 28.01
N THR C 91 25.20 -17.27 29.12
CA THR C 91 26.61 -17.69 29.24
C THR C 91 26.84 -18.88 28.33
N PHE C 92 25.90 -19.83 28.27
CA PHE C 92 26.02 -20.85 27.22
C PHE C 92 26.03 -20.27 25.82
N ALA C 93 25.17 -19.30 25.54
CA ALA C 93 25.18 -18.68 24.22
C ALA C 93 26.56 -18.12 23.81
N GLU C 94 27.15 -17.31 24.69
CA GLU C 94 28.41 -16.60 24.45
C GLU C 94 29.60 -17.57 24.31
N GLN C 95 29.58 -18.65 25.11
CA GLN C 95 30.63 -19.66 25.05
C GLN C 95 30.43 -20.63 23.89
N PHE C 96 29.17 -20.82 23.49
CA PHE C 96 28.89 -21.67 22.34
C PHE C 96 29.57 -21.18 21.07
N VAL C 97 29.50 -19.87 20.84
CA VAL C 97 29.94 -19.26 19.59
C VAL C 97 31.45 -19.30 19.54
N ALA C 98 32.07 -18.85 20.62
CA ALA C 98 33.52 -19.01 20.80
C ALA C 98 33.94 -20.47 20.49
N GLN C 99 33.40 -21.41 21.26
CA GLN C 99 33.73 -22.82 21.10
C GLN C 99 33.40 -23.38 19.72
N ALA C 100 32.33 -22.95 19.07
CA ALA C 100 32.13 -23.29 17.65
C ALA C 100 33.15 -22.59 16.77
N GLY C 101 33.44 -21.34 17.06
CA GLY C 101 34.37 -20.59 16.26
C GLY C 101 35.78 -21.13 16.36
N LYS C 102 36.22 -21.55 17.55
CA LYS C 102 37.56 -22.12 17.63
C LYS C 102 37.60 -23.47 16.91
N LEU C 103 36.54 -24.26 16.99
CA LEU C 103 36.51 -25.52 16.25
C LEU C 103 36.79 -25.34 14.75
N MET C 104 36.07 -24.42 14.10
CA MET C 104 36.21 -24.22 12.64
C MET C 104 37.15 -23.06 12.31
N GLY C 105 37.94 -22.59 13.27
CA GLY C 105 38.80 -21.42 13.07
C GLY C 105 38.18 -20.27 12.28
N GLY C 106 37.03 -19.78 12.71
CA GLY C 106 36.33 -18.74 11.94
C GLY C 106 34.88 -19.10 11.72
N LEU C 107 34.17 -18.31 10.94
CA LEU C 107 32.72 -18.47 10.75
C LEU C 107 32.26 -17.61 9.59
N ASP C 108 31.60 -18.25 8.62
CA ASP C 108 31.06 -17.56 7.45
C ASP C 108 29.60 -17.07 7.65
N MET C 109 28.79 -17.91 8.30
CA MET C 109 27.37 -17.71 8.40
C MET C 109 26.79 -18.24 9.72
N LEU C 110 25.89 -17.48 10.32
CA LEU C 110 25.30 -17.88 11.58
C LEU C 110 23.79 -17.90 11.34
N ILE C 111 23.21 -19.10 11.34
CA ILE C 111 21.78 -19.21 11.20
C ILE C 111 21.17 -19.33 12.56
N LEU C 112 20.43 -18.28 12.93
CA LEU C 112 19.78 -18.16 14.26
C LEU C 112 18.34 -18.62 14.09
N ASN C 113 18.01 -19.79 14.64
CA ASN C 113 16.76 -20.48 14.28
C ASN C 113 15.97 -21.11 15.42
N HIS C 114 16.60 -21.42 16.55
CA HIS C 114 15.84 -22.03 17.68
C HIS C 114 14.69 -21.16 18.26
N ILE C 115 13.71 -21.82 18.88
CA ILE C 115 12.70 -21.14 19.70
C ILE C 115 12.38 -21.97 20.92
N THR C 116 11.86 -21.32 21.98
CA THR C 116 11.38 -22.06 23.13
C THR C 116 10.09 -22.74 22.77
N ASN C 117 9.78 -23.82 23.47
CA ASN C 117 8.58 -24.58 23.11
C ASN C 117 7.29 -23.78 23.38
N THR C 118 6.32 -24.00 22.50
CA THR C 118 5.19 -23.12 22.38
C THR C 118 3.99 -23.92 21.95
N SER C 119 2.89 -23.72 22.66
CA SER C 119 1.58 -24.13 22.22
C SER C 119 0.75 -22.93 21.74
N LEU C 120 -0.20 -23.20 20.84
CA LEU C 120 -1.28 -22.26 20.52
C LEU C 120 -2.23 -22.11 21.73
N ASN C 121 -2.32 -20.92 22.30
CA ASN C 121 -3.18 -20.68 23.47
C ASN C 121 -3.64 -19.22 23.59
N LEU C 122 -4.86 -19.02 24.10
CA LEU C 122 -5.25 -17.72 24.56
C LEU C 122 -4.25 -17.34 25.64
N PHE C 123 -3.71 -16.13 25.55
CA PHE C 123 -2.96 -15.62 26.64
C PHE C 123 -3.91 -15.36 27.80
N HIS C 124 -3.39 -15.47 29.03
CA HIS C 124 -4.18 -15.30 30.21
C HIS C 124 -3.22 -15.37 31.39
N ASP C 125 -2.77 -14.22 31.88
CA ASP C 125 -1.77 -14.12 32.97
C ASP C 125 -0.44 -14.93 32.92
N ASP C 126 0.00 -15.30 31.73
CA ASP C 126 1.24 -16.07 31.54
C ASP C 126 2.55 -15.32 31.38
N ILE C 127 2.89 -14.50 32.35
CA ILE C 127 4.11 -13.70 32.25
C ILE C 127 5.31 -14.60 31.98
N HIS C 128 5.41 -15.69 32.73
CA HIS C 128 6.58 -16.53 32.63
C HIS C 128 6.82 -16.96 31.19
N HIS C 129 5.76 -17.34 30.48
CA HIS C 129 5.93 -17.78 29.09
C HIS C 129 6.32 -16.63 28.14
N VAL C 130 5.86 -15.40 28.45
CA VAL C 130 6.26 -14.20 27.68
C VAL C 130 7.73 -13.86 27.85
N ARG C 131 8.20 -13.83 29.09
CA ARG C 131 9.63 -13.61 29.39
C ARG C 131 10.55 -14.67 28.77
N LYS C 132 10.20 -15.93 28.94
CA LYS C 132 10.97 -17.02 28.38
C LYS C 132 11.07 -16.79 26.90
N SER C 133 9.92 -16.53 26.26
CA SER C 133 9.87 -16.30 24.81
C SER C 133 10.79 -15.18 24.38
N MET C 134 10.85 -14.11 25.16
CA MET C 134 11.66 -12.97 24.78
C MET C 134 13.13 -13.32 24.98
N GLU C 135 13.43 -14.08 26.02
CA GLU C 135 14.83 -14.52 26.26
C GLU C 135 15.40 -15.49 25.20
N VAL C 136 14.69 -16.58 24.90
CA VAL C 136 15.21 -17.62 23.99
C VAL C 136 15.05 -17.22 22.53
N ASN C 137 13.85 -16.78 22.18
CA ASN C 137 13.51 -16.37 20.81
C ASN C 137 14.17 -15.09 20.30
N PHE C 138 14.44 -14.16 21.21
CA PHE C 138 14.95 -12.83 20.83
C PHE C 138 16.30 -12.53 21.48
N LEU C 139 16.31 -12.48 22.80
CA LEU C 139 17.49 -12.00 23.49
C LEU C 139 18.72 -12.82 23.16
N SER C 140 18.57 -14.14 23.27
CA SER C 140 19.65 -15.04 22.92
C SER C 140 20.24 -14.78 21.52
N TYR C 141 19.36 -14.48 20.54
CA TYR C 141 19.80 -14.17 19.15
C TYR C 141 20.75 -12.98 19.17
N VAL C 142 20.41 -11.99 20.01
CA VAL C 142 21.22 -10.80 20.10
C VAL C 142 22.55 -11.22 20.65
N VAL C 143 22.58 -11.75 21.87
CA VAL C 143 23.82 -12.25 22.47
C VAL C 143 24.73 -13.04 21.49
N LEU C 144 24.12 -13.95 20.72
CA LEU C 144 24.91 -14.79 19.83
C LEU C 144 25.45 -13.92 18.71
N THR C 145 24.61 -12.98 18.25
CA THR C 145 25.07 -12.00 17.30
C THR C 145 26.32 -11.28 17.86
N VAL C 146 26.23 -10.77 19.08
CA VAL C 146 27.33 -10.04 19.67
C VAL C 146 28.59 -10.91 19.69
N ALA C 147 28.43 -12.15 20.12
CA ALA C 147 29.53 -13.11 20.21
C ALA C 147 30.22 -13.51 18.87
N ALA C 148 29.46 -13.42 17.77
CA ALA C 148 29.87 -13.84 16.44
C ALA C 148 30.42 -12.72 15.58
N LEU C 149 29.77 -11.57 15.66
CA LEU C 149 30.16 -10.38 14.93
C LEU C 149 31.66 -10.17 14.63
N PRO C 150 32.55 -10.24 15.65
CA PRO C 150 33.99 -10.03 15.36
C PRO C 150 34.51 -11.01 14.30
N MET C 151 34.24 -12.28 14.53
CA MET C 151 34.53 -13.36 13.59
C MET C 151 33.81 -13.17 12.23
N LEU C 152 32.55 -12.71 12.24
CA LEU C 152 31.83 -12.45 10.97
C LEU C 152 32.37 -11.26 10.19
N LYS C 153 32.84 -10.21 10.88
CA LYS C 153 33.51 -9.07 10.23
C LYS C 153 34.74 -9.54 9.41
N GLN C 154 35.67 -10.22 10.10
CA GLN C 154 36.85 -10.83 9.46
C GLN C 154 36.59 -11.60 8.14
N SER C 155 35.37 -12.14 7.98
CA SER C 155 35.06 -12.97 6.79
C SER C 155 33.93 -12.43 5.93
N ASN C 156 33.60 -11.14 6.14
CA ASN C 156 32.52 -10.45 5.43
C ASN C 156 31.22 -11.25 5.29
N GLY C 157 30.90 -12.03 6.32
CA GLY C 157 29.84 -13.05 6.24
C GLY C 157 28.39 -12.64 6.52
N SER C 158 27.65 -13.52 7.16
CA SER C 158 26.21 -13.32 7.19
C SER C 158 25.54 -13.80 8.45
N ILE C 159 24.59 -12.99 8.89
CA ILE C 159 23.62 -13.39 9.90
C ILE C 159 22.29 -13.62 9.21
N VAL C 160 21.66 -14.72 9.58
CA VAL C 160 20.38 -15.11 9.06
C VAL C 160 19.50 -15.39 10.28
N VAL C 161 18.31 -14.79 10.26
CA VAL C 161 17.37 -14.81 11.37
C VAL C 161 16.03 -15.37 10.90
N VAL C 162 15.63 -16.50 11.50
CA VAL C 162 14.47 -17.17 11.03
C VAL C 162 13.23 -16.65 11.74
N SER C 163 12.37 -15.94 11.00
CA SER C 163 11.12 -15.39 11.54
C SER C 163 9.85 -16.03 10.94
N SER C 164 8.71 -15.33 11.00
CA SER C 164 7.39 -15.90 10.72
C SER C 164 6.40 -14.81 10.33
N LEU C 165 5.30 -15.25 9.74
CA LEU C 165 4.21 -14.38 9.42
C LEU C 165 3.78 -13.68 10.66
N ALA C 166 3.66 -14.44 11.75
CA ALA C 166 3.37 -13.85 13.07
C ALA C 166 4.47 -12.87 13.57
N GLY C 167 5.50 -12.64 12.78
CA GLY C 167 6.49 -11.64 13.10
C GLY C 167 6.38 -10.49 12.14
N LYS C 168 5.37 -10.52 11.29
CA LYS C 168 5.02 -9.39 10.42
C LYS C 168 3.55 -8.95 10.62
N VAL C 169 2.69 -9.89 10.99
CA VAL C 169 1.25 -9.62 11.18
C VAL C 169 0.73 -10.34 12.42
N ALA C 170 -0.38 -9.85 12.96
CA ALA C 170 -0.90 -10.35 14.23
C ALA C 170 -1.81 -11.57 14.10
N TYR C 171 -1.70 -12.52 15.03
CA TYR C 171 -2.60 -13.69 15.13
C TYR C 171 -2.96 -13.98 16.53
N PRO C 172 -4.23 -14.26 16.82
CA PRO C 172 -4.59 -14.75 18.14
C PRO C 172 -3.77 -15.99 18.46
N MET C 173 -3.64 -16.30 19.75
CA MET C 173 -3.10 -17.60 20.17
C MET C 173 -1.57 -17.70 20.12
N VAL C 174 -0.86 -16.59 20.28
CA VAL C 174 0.49 -16.55 19.81
C VAL C 174 1.18 -15.28 20.22
N ALA C 175 0.53 -14.51 21.07
CA ALA C 175 1.03 -13.21 21.54
C ALA C 175 2.54 -13.20 21.94
N ALA C 176 2.87 -13.90 23.03
CA ALA C 176 4.26 -14.08 23.45
C ALA C 176 5.14 -14.40 22.26
N TYR C 177 4.74 -15.38 21.45
CA TYR C 177 5.61 -15.80 20.34
C TYR C 177 5.69 -14.72 19.28
N SER C 178 4.52 -14.18 18.95
CA SER C 178 4.43 -13.03 18.05
C SER C 178 5.29 -11.86 18.52
N ALA C 179 5.13 -11.49 19.79
CA ALA C 179 5.89 -10.39 20.36
C ALA C 179 7.37 -10.55 20.08
N SER C 180 7.91 -11.76 20.34
CA SER C 180 9.36 -11.98 20.19
C SER C 180 9.83 -11.96 18.76
N LYS C 181 9.05 -12.60 17.87
CA LYS C 181 9.34 -12.53 16.42
C LYS C 181 9.41 -11.08 15.87
N PHE C 182 8.40 -10.24 16.13
CA PHE C 182 8.44 -8.76 15.92
C PHE C 182 9.74 -8.10 16.39
N ALA C 183 10.02 -8.26 17.69
CA ALA C 183 11.26 -7.79 18.30
C ALA C 183 12.48 -8.06 17.38
N LEU C 184 12.59 -9.29 16.86
CA LEU C 184 13.67 -9.61 15.92
C LEU C 184 13.69 -8.64 14.76
N ASP C 185 12.51 -8.38 14.21
CA ASP C 185 12.42 -7.53 13.03
C ASP C 185 12.89 -6.15 13.40
N GLY C 186 12.20 -5.60 14.41
CA GLY C 186 12.62 -4.37 15.04
C GLY C 186 14.12 -4.27 15.14
N PHE C 187 14.74 -5.21 15.86
CA PHE C 187 16.17 -5.09 16.21
C PHE C 187 17.17 -5.29 15.08
N PHE C 188 16.99 -6.39 14.35
CA PHE C 188 17.88 -6.73 13.27
C PHE C 188 17.76 -5.85 12.03
N SER C 189 16.56 -5.32 11.73
CA SER C 189 16.47 -4.39 10.60
C SER C 189 17.19 -3.12 10.99
N SER C 190 16.86 -2.64 12.18
CA SER C 190 17.50 -1.46 12.70
C SER C 190 19.02 -1.59 12.73
N ILE C 191 19.52 -2.79 13.04
CA ILE C 191 20.99 -3.01 13.03
C ILE C 191 21.52 -2.96 11.61
N ARG C 192 20.73 -3.47 10.66
CA ARG C 192 21.17 -3.50 9.28
C ARG C 192 21.36 -2.07 8.81
N LYS C 193 20.36 -1.24 9.03
CA LYS C 193 20.49 0.20 8.78
C LYS C 193 21.80 0.67 9.38
N GLU C 194 22.05 0.38 10.67
CA GLU C 194 23.36 0.72 11.27
C GLU C 194 24.61 0.30 10.49
N TYR C 195 24.60 -0.94 10.00
CA TYR C 195 25.83 -1.53 9.45
C TYR C 195 26.31 -0.90 8.17
N SER C 196 25.38 -0.67 7.25
CA SER C 196 25.68 0.04 6.02
C SER C 196 26.27 1.38 6.42
N VAL C 197 25.53 2.19 7.19
CA VAL C 197 26.04 3.49 7.61
C VAL C 197 27.52 3.44 8.05
N SER C 198 27.87 2.59 9.01
CA SER C 198 29.28 2.47 9.46
C SER C 198 30.02 1.43 8.65
N ARG C 199 29.55 1.21 7.42
CA ARG C 199 30.19 0.33 6.43
C ARG C 199 30.72 -1.04 6.91
N VAL C 200 29.97 -1.72 7.79
CA VAL C 200 30.23 -3.14 8.23
C VAL C 200 29.69 -4.13 7.19
N ASN C 201 30.54 -4.96 6.63
CA ASN C 201 30.04 -5.84 5.62
C ASN C 201 29.61 -7.20 6.12
N VAL C 202 28.45 -7.23 6.77
CA VAL C 202 27.88 -8.45 7.24
C VAL C 202 26.40 -8.42 6.90
N SER C 203 25.92 -9.42 6.20
CA SER C 203 24.55 -9.40 5.79
C SER C 203 23.66 -10.00 6.86
N ILE C 204 22.55 -9.31 7.07
CA ILE C 204 21.46 -9.76 7.92
C ILE C 204 20.28 -10.05 6.98
N THR C 205 19.74 -11.25 7.11
CA THR C 205 18.60 -11.71 6.32
C THR C 205 17.54 -12.19 7.28
N LEU C 206 16.37 -11.59 7.16
CA LEU C 206 15.24 -11.99 8.00
C LEU C 206 14.32 -12.91 7.22
N CYS C 207 13.93 -14.03 7.82
CA CYS C 207 13.16 -15.03 7.07
C CYS C 207 11.73 -15.16 7.55
N VAL C 208 10.79 -14.77 6.69
CA VAL C 208 9.39 -14.88 7.04
C VAL C 208 8.87 -16.17 6.44
N LEU C 209 8.21 -16.96 7.28
CA LEU C 209 7.80 -18.30 6.91
C LEU C 209 6.39 -18.51 7.42
N GLY C 210 5.53 -18.97 6.50
CA GLY C 210 4.19 -19.42 6.85
C GLY C 210 4.29 -20.79 7.47
N LEU C 211 3.18 -21.51 7.55
CA LEU C 211 3.22 -22.92 7.98
C LEU C 211 4.28 -23.73 7.20
N ILE C 212 5.13 -24.41 7.95
CA ILE C 212 6.06 -25.39 7.39
C ILE C 212 5.72 -26.74 8.05
N ASP C 213 5.94 -27.84 7.33
CA ASP C 213 5.43 -29.17 7.75
C ASP C 213 6.27 -29.90 8.80
N THR C 214 6.76 -29.16 9.81
CA THR C 214 7.60 -29.77 10.83
C THR C 214 6.73 -30.55 11.77
N GLU C 215 7.31 -31.60 12.33
CA GLU C 215 6.63 -32.35 13.35
C GLU C 215 5.97 -31.36 14.32
N THR C 216 6.79 -30.61 15.07
CA THR C 216 6.34 -29.53 15.99
C THR C 216 5.19 -28.66 15.45
N ALA C 217 5.36 -28.00 14.29
CA ALA C 217 4.28 -27.20 13.71
C ALA C 217 2.93 -27.94 13.79
N MET C 218 2.90 -29.12 13.18
CA MET C 218 1.69 -29.90 13.05
C MET C 218 1.01 -30.22 14.37
N LYS C 219 1.75 -30.76 15.34
CA LYS C 219 1.11 -31.15 16.61
C LYS C 219 0.63 -29.98 17.47
N ALA C 220 1.03 -28.76 17.12
CA ALA C 220 0.63 -27.57 17.86
C ALA C 220 -0.55 -26.85 17.19
N VAL C 221 -0.47 -26.74 15.87
CA VAL C 221 -1.49 -26.10 15.07
C VAL C 221 -2.66 -27.05 14.85
N SER C 222 -2.46 -28.06 13.98
CA SER C 222 -3.54 -28.91 13.46
C SER C 222 -4.51 -29.41 14.54
N GLY C 223 -5.79 -29.19 14.29
CA GLY C 223 -6.82 -29.18 15.33
C GLY C 223 -7.42 -27.77 15.35
N ILE C 224 -6.56 -26.77 15.54
CA ILE C 224 -6.97 -25.35 15.58
C ILE C 224 -7.10 -24.75 14.18
N VAL C 225 -6.01 -24.73 13.41
CA VAL C 225 -6.02 -24.10 12.07
C VAL C 225 -5.84 -25.14 10.94
N HIS C 226 -6.20 -24.76 9.72
CA HIS C 226 -6.28 -25.73 8.63
C HIS C 226 -5.41 -25.52 7.38
N MET C 227 -4.60 -24.46 7.33
CA MET C 227 -3.91 -24.12 6.05
C MET C 227 -2.83 -25.14 5.57
N GLN C 228 -2.36 -24.96 4.33
CA GLN C 228 -1.47 -25.90 3.63
C GLN C 228 -0.02 -25.74 4.04
N ALA C 229 0.52 -26.75 4.71
CA ALA C 229 1.90 -26.74 5.19
C ALA C 229 2.93 -26.93 4.09
N ALA C 230 3.77 -25.92 3.87
CA ALA C 230 4.90 -26.00 2.93
C ALA C 230 5.96 -27.06 3.32
N PRO C 231 6.78 -27.54 2.35
CA PRO C 231 7.74 -28.58 2.74
C PRO C 231 9.00 -28.04 3.41
N LYS C 232 9.30 -28.60 4.59
CA LYS C 232 10.51 -28.29 5.37
C LYS C 232 11.83 -28.33 4.60
N GLU C 233 11.98 -29.34 3.75
CA GLU C 233 13.20 -29.57 3.03
C GLU C 233 13.55 -28.39 2.16
N GLU C 234 12.55 -27.86 1.45
CA GLU C 234 12.72 -26.69 0.57
C GLU C 234 12.78 -25.36 1.38
N CYS C 235 11.97 -25.27 2.41
CA CYS C 235 12.04 -24.17 3.34
C CYS C 235 13.49 -23.84 3.73
N ALA C 236 14.16 -24.83 4.30
CA ALA C 236 15.57 -24.72 4.69
C ALA C 236 16.45 -24.19 3.57
N LEU C 237 16.18 -24.69 2.36
CA LEU C 237 16.99 -24.37 1.19
C LEU C 237 16.82 -22.91 0.84
N GLU C 238 15.59 -22.42 0.90
CA GLU C 238 15.28 -21.02 0.61
C GLU C 238 15.97 -20.11 1.63
N ILE C 239 15.87 -20.48 2.91
CA ILE C 239 16.62 -19.78 3.95
C ILE C 239 18.12 -19.73 3.61
N ILE C 240 18.73 -20.89 3.36
CA ILE C 240 20.13 -20.95 2.96
C ILE C 240 20.37 -20.07 1.74
N LYS C 241 19.54 -20.26 0.69
CA LYS C 241 19.67 -19.45 -0.53
C LYS C 241 19.63 -17.98 -0.18
N GLY C 242 18.66 -17.56 0.63
CA GLY C 242 18.53 -16.15 1.00
C GLY C 242 19.81 -15.57 1.60
N GLY C 243 20.28 -16.20 2.67
CA GLY C 243 21.57 -15.85 3.28
C GLY C 243 22.77 -15.85 2.33
N ALA C 244 22.95 -16.92 1.58
CA ALA C 244 24.08 -16.99 0.65
C ALA C 244 24.04 -15.76 -0.24
N LEU C 245 22.87 -15.50 -0.82
CA LEU C 245 22.69 -14.39 -1.74
C LEU C 245 22.52 -13.02 -1.05
N ARG C 246 22.83 -12.94 0.26
CA ARG C 246 22.73 -11.70 1.07
C ARG C 246 21.43 -10.89 0.87
N GLN C 247 20.28 -11.57 0.97
CA GLN C 247 18.97 -10.98 0.74
C GLN C 247 18.38 -10.43 2.02
N GLU C 248 17.91 -9.19 2.00
CA GLU C 248 17.39 -8.57 3.23
C GLU C 248 16.21 -9.34 3.84
N GLU C 249 15.26 -9.73 3.00
CA GLU C 249 14.20 -10.58 3.46
C GLU C 249 13.96 -11.76 2.51
N VAL C 250 13.76 -12.93 3.09
CA VAL C 250 13.20 -14.05 2.36
C VAL C 250 11.81 -14.39 2.92
N TYR C 251 10.90 -14.72 2.01
CA TYR C 251 9.52 -15.08 2.33
C TYR C 251 9.28 -16.39 1.69
N TYR C 252 8.58 -17.24 2.42
CA TYR C 252 8.30 -18.58 1.94
C TYR C 252 7.05 -19.08 2.64
N ASP C 253 6.02 -19.29 1.84
CA ASP C 253 4.77 -19.86 2.30
C ASP C 253 4.30 -20.69 1.09
N SER C 254 3.50 -21.72 1.34
CA SER C 254 2.92 -22.49 0.26
C SER C 254 2.04 -21.60 -0.64
N SER C 255 1.11 -20.87 -0.01
CA SER C 255 0.22 -19.96 -0.71
C SER C 255 0.98 -18.78 -1.30
N LEU C 256 0.97 -18.69 -2.63
CA LEU C 256 1.67 -17.61 -3.34
C LEU C 256 0.94 -16.26 -3.21
N TRP C 257 -0.32 -16.30 -2.77
CA TRP C 257 -1.09 -15.10 -2.43
C TRP C 257 -0.44 -14.37 -1.23
N THR C 258 -0.38 -15.08 -0.11
CA THR C 258 0.21 -14.53 1.10
C THR C 258 1.65 -14.07 0.90
N THR C 259 2.50 -14.86 0.25
CA THR C 259 3.90 -14.45 -0.03
C THR C 259 4.01 -13.17 -0.85
N LEU C 260 2.86 -12.58 -1.17
CA LEU C 260 2.81 -11.38 -1.99
C LEU C 260 2.27 -10.19 -1.23
N LEU C 261 1.33 -10.47 -0.33
CA LEU C 261 0.73 -9.45 0.49
C LEU C 261 1.63 -9.28 1.70
N ILE C 262 2.71 -10.05 1.71
CA ILE C 262 3.60 -10.12 2.86
C ILE C 262 4.58 -8.95 2.90
N ARG C 263 4.94 -8.43 1.73
CA ARG C 263 5.88 -7.32 1.64
C ARG C 263 5.11 -6.08 2.06
N ASN C 264 5.83 -5.09 2.58
CA ASN C 264 5.22 -3.82 2.86
C ASN C 264 5.94 -2.70 2.15
N PRO C 265 5.44 -2.30 0.96
CA PRO C 265 6.07 -1.21 0.20
C PRO C 265 6.07 0.14 0.91
N SER C 266 5.10 0.35 1.80
CA SER C 266 5.03 1.58 2.62
C SER C 266 6.34 1.80 3.41
N ARG C 267 6.77 0.76 4.12
CA ARG C 267 8.02 0.71 4.84
C ARG C 267 9.23 0.94 3.95
N LYS C 268 9.39 0.16 2.87
CA LYS C 268 10.46 0.46 1.91
C LYS C 268 10.55 1.97 1.68
N ILE C 269 9.41 2.61 1.44
CA ILE C 269 9.37 4.06 1.17
C ILE C 269 9.77 4.93 2.37
N LEU C 270 9.01 4.78 3.45
CA LEU C 270 9.15 5.56 4.67
C LEU C 270 10.56 5.47 5.29
N GLU C 271 11.22 4.33 5.11
CA GLU C 271 12.58 4.13 5.62
C GLU C 271 13.59 4.86 4.76
N PHE C 272 13.42 4.74 3.45
CA PHE C 272 14.31 5.37 2.47
C PHE C 272 14.06 6.85 2.58
N LEU C 273 12.79 7.21 2.72
CA LEU C 273 12.42 8.57 3.07
C LEU C 273 13.24 9.00 4.27
N TYR C 274 12.88 8.53 5.48
CA TYR C 274 13.53 8.99 6.72
C TYR C 274 15.05 8.79 6.82
N SER C 275 15.66 8.26 5.76
CA SER C 275 17.08 7.86 5.77
C SER C 275 18.08 8.97 5.49
N THR C 276 17.64 10.09 4.95
CA THR C 276 18.55 11.18 4.65
C THR C 276 18.35 12.34 5.64
N SER C 277 18.02 12.00 6.89
CA SER C 277 17.51 12.97 7.86
C SER C 277 18.32 13.04 9.15
N TYR C 278 19.47 12.36 9.15
CA TYR C 278 20.38 12.29 10.29
C TYR C 278 21.82 12.13 9.82
N ASN C 279 22.78 12.45 10.68
CA ASN C 279 24.18 12.15 10.40
C ASN C 279 24.90 11.76 11.68
N MET C 280 25.19 10.46 11.80
CA MET C 280 25.82 9.90 13.03
C MET C 280 27.34 9.98 13.02
N ASP C 281 27.89 10.68 12.02
CA ASP C 281 29.34 10.77 11.84
C ASP C 281 30.07 11.37 13.05
N ARG C 282 29.31 11.90 14.01
CA ARG C 282 29.87 12.32 15.31
C ARG C 282 29.86 11.21 16.37
N PHE C 283 28.85 10.33 16.33
CA PHE C 283 28.80 9.12 17.17
C PHE C 283 29.16 7.85 16.39
N GLN D 15 7.87 -8.88 -19.23
CA GLN D 15 9.28 -9.23 -19.62
C GLN D 15 10.24 -8.02 -19.75
N PRO D 16 10.22 -7.08 -18.76
CA PRO D 16 11.30 -6.06 -18.74
C PRO D 16 12.69 -6.70 -18.53
N LEU D 17 13.70 -6.16 -19.21
CA LEU D 17 15.02 -6.81 -19.40
C LEU D 17 15.84 -7.15 -18.16
N ASN D 18 16.83 -8.03 -18.36
CA ASN D 18 17.80 -8.39 -17.35
C ASN D 18 18.98 -7.41 -17.27
N GLU D 19 18.93 -6.31 -18.03
CA GLU D 19 20.12 -5.49 -18.21
C GLU D 19 20.05 -3.97 -17.94
N GLU D 20 21.07 -3.27 -18.45
CA GLU D 20 21.29 -1.83 -18.27
C GLU D 20 21.35 -1.09 -19.60
N PHE D 21 21.09 0.21 -19.56
CA PHE D 21 20.93 1.00 -20.77
C PHE D 21 22.26 1.46 -21.37
N ARG D 22 22.45 1.21 -22.66
CA ARG D 22 23.58 1.77 -23.42
C ARG D 22 23.06 2.59 -24.62
N PRO D 23 23.53 3.86 -24.74
CA PRO D 23 23.18 4.75 -25.85
C PRO D 23 23.16 4.06 -27.21
N GLU D 24 23.93 2.99 -27.29
CA GLU D 24 24.26 2.33 -28.54
C GLU D 24 23.15 1.38 -29.00
N MET D 25 22.23 1.04 -28.08
CA MET D 25 21.03 0.25 -28.38
C MET D 25 20.04 0.95 -29.35
N LEU D 26 20.27 2.23 -29.63
CA LEU D 26 19.41 2.99 -30.52
C LEU D 26 19.97 3.18 -31.95
N GLN D 27 21.26 2.85 -32.14
CA GLN D 27 21.95 2.91 -33.45
C GLN D 27 21.25 2.15 -34.57
N GLY D 28 20.84 2.87 -35.62
CA GLY D 28 20.16 2.25 -36.79
C GLY D 28 18.75 1.72 -36.49
N LYS D 29 18.27 2.01 -35.28
CA LYS D 29 16.86 1.79 -34.97
C LYS D 29 16.10 2.91 -35.64
N LYS D 30 14.94 2.55 -36.16
CA LYS D 30 14.14 3.50 -36.89
C LYS D 30 13.01 3.93 -35.92
N VAL D 31 13.17 5.14 -35.39
CA VAL D 31 12.35 5.65 -34.31
C VAL D 31 11.40 6.74 -34.85
N ILE D 32 10.15 6.69 -34.42
CA ILE D 32 9.19 7.75 -34.72
C ILE D 32 8.97 8.52 -33.46
N VAL D 33 8.87 9.84 -33.54
CA VAL D 33 8.54 10.66 -32.34
C VAL D 33 7.52 11.71 -32.71
N THR D 34 6.31 11.61 -32.15
CA THR D 34 5.21 12.57 -32.44
C THR D 34 5.31 13.75 -31.48
N GLY D 35 4.60 14.83 -31.76
CA GLY D 35 4.80 16.06 -31.00
C GLY D 35 6.27 16.37 -30.78
N ALA D 36 7.01 16.56 -31.89
CA ALA D 36 8.48 16.74 -31.76
C ALA D 36 9.08 18.14 -32.05
N SER D 37 8.22 19.13 -32.15
CA SER D 37 8.63 20.49 -32.49
C SER D 37 9.10 21.20 -31.24
N LYS D 38 8.38 21.03 -30.14
CA LYS D 38 8.67 21.79 -28.92
C LYS D 38 9.09 20.85 -27.77
N GLY D 39 9.34 21.42 -26.59
CA GLY D 39 9.47 20.62 -25.37
C GLY D 39 10.19 19.29 -25.42
N ILE D 40 9.66 18.31 -24.69
CA ILE D 40 10.23 16.98 -24.53
C ILE D 40 10.38 16.17 -25.81
N GLY D 41 9.49 16.38 -26.78
CA GLY D 41 9.54 15.59 -28.02
C GLY D 41 10.82 15.88 -28.77
N ARG D 42 11.10 17.19 -28.90
CA ARG D 42 12.32 17.68 -29.56
C ARG D 42 13.57 17.20 -28.86
N GLU D 43 13.57 17.25 -27.52
CA GLU D 43 14.66 16.69 -26.72
C GLU D 43 14.81 15.18 -26.97
N MET D 44 13.72 14.51 -27.27
CA MET D 44 13.82 13.08 -27.47
C MET D 44 14.43 12.78 -28.83
N ALA D 45 14.17 13.70 -29.77
CA ALA D 45 14.56 13.51 -31.13
C ALA D 45 16.09 13.66 -31.12
N TYR D 46 16.58 14.89 -30.96
CA TYR D 46 17.94 15.20 -30.57
C TYR D 46 18.66 14.05 -29.89
N HIS D 47 18.07 13.49 -28.83
CA HIS D 47 18.80 12.49 -28.07
C HIS D 47 19.08 11.33 -28.97
N LEU D 48 18.00 10.83 -29.57
CA LEU D 48 18.04 9.74 -30.53
C LEU D 48 18.98 10.01 -31.69
N ALA D 49 19.02 11.26 -32.14
CA ALA D 49 19.97 11.68 -33.16
C ALA D 49 21.41 11.35 -32.74
N LYS D 50 21.86 12.03 -31.69
CA LYS D 50 23.12 11.75 -31.03
C LYS D 50 23.36 10.25 -30.97
N MET D 51 22.38 9.48 -30.51
CA MET D 51 22.58 8.03 -30.46
C MET D 51 22.56 7.34 -31.83
N GLY D 52 22.46 8.13 -32.90
CA GLY D 52 22.58 7.59 -34.24
C GLY D 52 21.41 6.73 -34.64
N ALA D 53 20.25 7.35 -34.73
CA ALA D 53 19.01 6.65 -35.09
C ALA D 53 18.47 7.25 -36.37
N HIS D 54 17.69 6.48 -37.13
CA HIS D 54 16.83 7.06 -38.17
C HIS D 54 15.60 7.62 -37.45
N VAL D 55 15.32 8.91 -37.65
CA VAL D 55 14.22 9.54 -36.96
C VAL D 55 13.21 10.17 -37.89
N VAL D 56 11.95 9.95 -37.62
CA VAL D 56 10.93 10.72 -38.33
C VAL D 56 10.13 11.46 -37.28
N VAL D 57 10.26 12.77 -37.29
CA VAL D 57 9.53 13.59 -36.34
C VAL D 57 8.22 14.06 -36.93
N THR D 58 7.24 14.31 -36.09
CA THR D 58 5.96 14.86 -36.58
C THR D 58 5.40 15.83 -35.58
N ALA D 59 4.62 16.78 -36.10
CA ALA D 59 3.92 17.83 -35.34
C ALA D 59 3.16 18.67 -36.34
N ARG D 60 2.35 19.61 -35.85
CA ARG D 60 1.70 20.59 -36.75
C ARG D 60 2.68 21.51 -37.47
N SER D 61 3.84 21.81 -36.87
CA SER D 61 4.53 23.01 -37.37
C SER D 61 5.70 22.83 -38.33
N LYS D 62 5.32 22.76 -39.62
CA LYS D 62 6.23 22.65 -40.74
C LYS D 62 7.58 23.32 -40.51
N GLU D 63 7.61 24.65 -40.38
CA GLU D 63 8.92 25.34 -40.51
C GLU D 63 9.86 25.14 -39.34
N THR D 64 9.33 24.84 -38.17
CA THR D 64 10.25 24.57 -37.07
C THR D 64 10.62 23.10 -36.98
N LEU D 65 9.73 22.23 -37.48
CA LEU D 65 10.07 20.80 -37.65
C LEU D 65 11.32 20.66 -38.51
N GLN D 66 11.39 21.47 -39.57
CA GLN D 66 12.52 21.41 -40.48
C GLN D 66 13.78 21.66 -39.72
N LYS D 67 13.77 22.69 -38.88
CA LYS D 67 14.90 23.06 -38.04
C LYS D 67 15.34 21.94 -37.13
N VAL D 68 14.38 21.22 -36.56
CA VAL D 68 14.70 20.10 -35.70
C VAL D 68 15.42 18.99 -36.49
N VAL D 69 14.88 18.64 -37.65
CA VAL D 69 15.49 17.67 -38.54
C VAL D 69 16.97 18.01 -38.77
N SER D 70 17.23 19.27 -39.10
CA SER D 70 18.58 19.62 -39.46
C SER D 70 19.46 19.97 -38.25
N HIS D 71 18.95 19.78 -37.05
CA HIS D 71 19.82 19.74 -35.91
C HIS D 71 20.08 18.27 -35.59
N CYS D 72 19.12 17.42 -35.95
CA CYS D 72 19.27 15.99 -35.79
C CYS D 72 20.42 15.49 -36.68
N LEU D 73 20.47 16.00 -37.92
CA LEU D 73 21.55 15.69 -38.86
C LEU D 73 22.91 16.19 -38.32
N GLU D 74 23.00 17.48 -38.00
CA GLU D 74 24.14 18.02 -37.20
C GLU D 74 24.62 17.12 -36.04
N LEU D 75 23.72 16.57 -35.23
CA LEU D 75 24.11 15.68 -34.10
C LEU D 75 24.52 14.24 -34.52
N GLY D 76 24.28 13.91 -35.78
CA GLY D 76 24.67 12.61 -36.31
C GLY D 76 23.61 11.52 -36.31
N ALA D 77 22.34 11.93 -36.40
CA ALA D 77 21.24 11.03 -36.75
C ALA D 77 21.66 10.20 -37.96
N ALA D 78 21.34 8.90 -37.95
CA ALA D 78 21.47 8.05 -39.13
C ALA D 78 20.64 8.61 -40.29
N SER D 79 19.38 8.88 -40.00
CA SER D 79 18.50 9.55 -40.94
C SER D 79 17.54 10.48 -40.17
N ALA D 80 16.88 11.39 -40.88
CA ALA D 80 16.03 12.43 -40.23
C ALA D 80 15.08 13.15 -41.15
N HIS D 81 13.78 12.96 -40.90
CA HIS D 81 12.72 13.53 -41.72
C HIS D 81 11.55 14.11 -40.93
N TYR D 82 10.79 14.99 -41.56
CA TYR D 82 9.58 15.45 -40.92
C TYR D 82 8.36 15.25 -41.76
N ILE D 83 7.23 15.11 -41.09
CA ILE D 83 5.95 15.19 -41.79
C ILE D 83 5.08 16.07 -40.95
N ALA D 84 4.52 17.11 -41.57
CA ALA D 84 3.73 18.04 -40.78
C ALA D 84 2.30 17.59 -40.81
N GLY D 85 1.62 17.77 -39.67
CA GLY D 85 0.19 17.56 -39.65
C GLY D 85 -0.41 17.67 -38.29
N THR D 86 -1.73 17.58 -38.23
CA THR D 86 -2.43 17.63 -36.96
C THR D 86 -2.99 16.24 -36.69
N MET D 87 -2.78 15.82 -35.45
CA MET D 87 -3.27 14.56 -35.00
C MET D 87 -4.81 14.56 -34.72
N GLU D 88 -5.51 15.60 -35.16
CA GLU D 88 -6.98 15.58 -35.03
C GLU D 88 -7.54 14.84 -36.22
N ASP D 89 -6.71 14.74 -37.25
CA ASP D 89 -7.10 14.06 -38.46
C ASP D 89 -6.60 12.64 -38.33
N MET D 90 -7.54 11.73 -38.05
CA MET D 90 -7.23 10.30 -37.96
C MET D 90 -6.61 9.78 -39.26
N THR D 91 -7.00 10.40 -40.38
CA THR D 91 -6.47 10.06 -41.71
C THR D 91 -4.97 10.29 -41.82
N PHE D 92 -4.60 11.55 -41.58
CA PHE D 92 -3.23 11.93 -41.44
C PHE D 92 -2.42 10.93 -40.57
N ALA D 93 -2.94 10.58 -39.39
CA ALA D 93 -2.22 9.69 -38.49
C ALA D 93 -2.02 8.31 -39.09
N GLU D 94 -2.98 7.82 -39.86
CA GLU D 94 -2.81 6.49 -40.53
C GLU D 94 -1.68 6.58 -41.62
N GLN D 95 -1.70 7.65 -42.42
CA GLN D 95 -0.70 7.85 -43.48
C GLN D 95 0.71 8.23 -43.02
N PHE D 96 0.80 8.91 -41.89
CA PHE D 96 2.09 9.40 -41.40
C PHE D 96 2.96 8.19 -41.03
N VAL D 97 2.31 7.16 -40.51
CA VAL D 97 3.03 5.95 -40.15
C VAL D 97 3.38 5.19 -41.41
N ALA D 98 2.53 5.30 -42.43
CA ALA D 98 2.82 4.72 -43.75
C ALA D 98 4.06 5.40 -44.29
N GLN D 99 3.96 6.69 -44.53
CA GLN D 99 5.07 7.49 -45.06
C GLN D 99 6.38 7.19 -44.33
N ALA D 100 6.35 7.23 -42.99
CA ALA D 100 7.57 7.20 -42.18
C ALA D 100 8.17 5.82 -42.15
N GLY D 101 7.34 4.81 -42.45
CA GLY D 101 7.79 3.43 -42.57
C GLY D 101 8.55 3.29 -43.88
N LYS D 102 8.21 4.16 -44.83
CA LYS D 102 8.88 4.15 -46.15
C LYS D 102 10.20 4.88 -46.12
N LEU D 103 10.23 6.00 -45.40
CA LEU D 103 11.42 6.82 -45.27
C LEU D 103 12.51 6.13 -44.47
N MET D 104 12.12 5.11 -43.72
CA MET D 104 13.10 4.38 -42.92
C MET D 104 13.25 2.89 -43.33
N GLY D 105 12.38 2.39 -44.21
CA GLY D 105 12.21 0.92 -44.41
C GLY D 105 11.97 0.06 -43.16
N GLY D 106 10.82 0.24 -42.51
CA GLY D 106 10.57 -0.34 -41.17
C GLY D 106 10.44 0.68 -40.01
N LEU D 107 10.25 0.14 -38.80
CA LEU D 107 10.06 0.87 -37.56
C LEU D 107 10.48 0.00 -36.35
N ASP D 108 11.24 0.52 -35.38
CA ASP D 108 11.56 -0.26 -34.18
C ASP D 108 10.93 0.34 -32.94
N MET D 109 10.75 1.67 -32.99
CA MET D 109 10.16 2.40 -31.88
C MET D 109 9.17 3.51 -32.28
N LEU D 110 7.99 3.42 -31.67
CA LEU D 110 6.93 4.41 -31.87
C LEU D 110 6.76 5.17 -30.54
N ILE D 111 7.23 6.41 -30.51
CA ILE D 111 7.13 7.25 -29.31
C ILE D 111 6.01 8.28 -29.44
N LEU D 112 4.87 7.98 -28.81
CA LEU D 112 3.64 8.77 -28.87
C LEU D 112 3.66 9.78 -27.74
N ASN D 113 3.74 11.05 -28.11
CA ASN D 113 4.12 12.16 -27.20
C ASN D 113 3.22 13.37 -27.37
N HIS D 114 2.61 13.53 -28.55
CA HIS D 114 1.83 14.74 -28.82
C HIS D 114 0.59 14.87 -27.86
N ILE D 115 0.37 16.10 -27.38
CA ILE D 115 -0.92 16.52 -26.76
C ILE D 115 -1.60 17.68 -27.50
N THR D 116 -2.91 17.77 -27.38
CA THR D 116 -3.59 19.06 -27.66
C THR D 116 -3.30 20.14 -26.59
N ASN D 117 -3.34 21.40 -27.00
CA ASN D 117 -3.17 22.55 -26.08
C ASN D 117 -4.08 22.49 -24.92
N THR D 118 -3.51 22.71 -23.74
CA THR D 118 -4.24 22.58 -22.50
C THR D 118 -3.84 23.64 -21.48
N SER D 119 -4.84 24.21 -20.82
CA SER D 119 -4.58 25.19 -19.80
C SER D 119 -5.23 24.79 -18.51
N LEU D 120 -4.69 25.30 -17.42
CA LEU D 120 -5.30 25.09 -16.10
C LEU D 120 -6.60 25.89 -16.06
N ASN D 121 -7.69 25.16 -15.87
CA ASN D 121 -9.03 25.70 -15.87
C ASN D 121 -10.00 24.80 -15.15
N LEU D 122 -11.00 25.40 -14.52
CA LEU D 122 -12.07 24.59 -13.94
C LEU D 122 -13.05 24.24 -15.03
N PHE D 123 -13.47 22.98 -15.03
CA PHE D 123 -14.46 22.53 -16.00
C PHE D 123 -15.82 23.24 -15.84
N HIS D 124 -16.08 24.23 -16.71
CA HIS D 124 -17.41 24.83 -16.86
CA HIS D 124 -17.43 24.76 -16.85
C HIS D 124 -17.91 24.58 -18.29
N ASP D 125 -18.73 23.55 -18.49
CA ASP D 125 -19.47 23.51 -19.75
C ASP D 125 -18.67 23.20 -21.03
N ASP D 126 -17.42 22.73 -20.92
CA ASP D 126 -16.60 22.63 -22.14
C ASP D 126 -16.47 21.26 -22.83
N ILE D 127 -17.57 20.71 -23.34
CA ILE D 127 -17.47 19.36 -23.89
C ILE D 127 -16.45 19.24 -25.02
N HIS D 128 -16.15 20.37 -25.66
CA HIS D 128 -15.40 20.32 -26.91
C HIS D 128 -13.95 20.16 -26.56
N HIS D 129 -13.57 20.77 -25.44
CA HIS D 129 -12.25 20.59 -24.96
C HIS D 129 -12.07 19.16 -24.53
N VAL D 130 -13.10 18.58 -23.96
CA VAL D 130 -13.04 17.17 -23.59
C VAL D 130 -12.96 16.29 -24.83
N ARG D 131 -13.85 16.50 -25.80
CA ARG D 131 -13.82 15.68 -27.02
C ARG D 131 -12.42 15.74 -27.65
N LYS D 132 -11.94 16.96 -27.89
CA LYS D 132 -10.69 17.20 -28.56
C LYS D 132 -9.57 16.42 -27.84
N SER D 133 -9.57 16.50 -26.50
CA SER D 133 -8.53 15.87 -25.72
C SER D 133 -8.58 14.38 -25.97
N MET D 134 -9.77 13.84 -26.01
CA MET D 134 -9.91 12.41 -26.17
C MET D 134 -9.37 11.97 -27.54
N GLU D 135 -9.52 12.85 -28.51
CA GLU D 135 -9.17 12.57 -29.89
C GLU D 135 -7.67 12.75 -30.15
N VAL D 136 -7.16 13.89 -29.77
CA VAL D 136 -5.77 14.17 -30.00
C VAL D 136 -4.92 13.40 -29.03
N ASN D 137 -5.31 13.38 -27.77
CA ASN D 137 -4.49 12.83 -26.71
C ASN D 137 -4.66 11.35 -26.47
N PHE D 138 -5.77 10.74 -26.90
CA PHE D 138 -5.92 9.28 -26.76
C PHE D 138 -6.16 8.50 -28.08
N LEU D 139 -7.29 8.70 -28.74
CA LEU D 139 -7.63 7.93 -29.96
C LEU D 139 -6.58 7.81 -31.06
N SER D 140 -5.95 8.94 -31.38
CA SER D 140 -4.91 9.04 -32.37
C SER D 140 -3.73 8.11 -32.07
N TYR D 141 -3.41 7.97 -30.78
CA TYR D 141 -2.37 7.11 -30.26
C TYR D 141 -2.82 5.71 -30.62
N VAL D 142 -4.12 5.50 -30.64
CA VAL D 142 -4.61 4.16 -30.88
C VAL D 142 -4.49 3.94 -32.34
N VAL D 143 -4.81 4.98 -33.10
CA VAL D 143 -4.72 4.92 -34.55
C VAL D 143 -3.23 4.90 -35.02
N LEU D 144 -2.32 5.47 -34.25
CA LEU D 144 -0.93 5.43 -34.68
C LEU D 144 -0.31 4.04 -34.43
N THR D 145 -0.65 3.45 -33.29
CA THR D 145 -0.41 2.04 -32.95
C THR D 145 -1.04 1.03 -33.92
N VAL D 146 -2.34 1.07 -34.09
CA VAL D 146 -2.90 0.17 -35.09
C VAL D 146 -2.04 0.14 -36.37
N ALA D 147 -1.63 1.31 -36.86
CA ALA D 147 -1.00 1.34 -38.16
C ALA D 147 0.48 0.96 -38.08
N ALA D 148 1.05 1.12 -36.90
CA ALA D 148 2.41 0.75 -36.65
C ALA D 148 2.56 -0.76 -36.37
N LEU D 149 1.46 -1.47 -36.14
CA LEU D 149 1.63 -2.84 -35.63
C LEU D 149 2.41 -3.82 -36.58
N PRO D 150 1.90 -4.11 -37.81
CA PRO D 150 2.68 -4.86 -38.81
C PRO D 150 4.21 -4.80 -38.66
N MET D 151 4.76 -3.60 -38.63
CA MET D 151 6.19 -3.34 -38.69
C MET D 151 6.91 -3.58 -37.39
N LEU D 152 6.29 -3.14 -36.30
CA LEU D 152 6.83 -3.39 -34.96
C LEU D 152 6.76 -4.87 -34.63
N LYS D 153 5.76 -5.56 -35.16
CA LYS D 153 5.70 -7.03 -35.14
C LYS D 153 6.91 -7.60 -35.90
N GLN D 154 7.18 -6.97 -37.03
CA GLN D 154 8.31 -7.29 -37.90
C GLN D 154 9.68 -7.05 -37.28
N SER D 155 9.80 -6.15 -36.31
CA SER D 155 11.11 -5.86 -35.74
C SER D 155 11.16 -6.20 -34.25
N ASN D 156 10.09 -6.81 -33.74
CA ASN D 156 9.99 -7.10 -32.32
C ASN D 156 10.19 -5.83 -31.50
N GLY D 157 9.52 -4.78 -31.96
CA GLY D 157 9.79 -3.43 -31.50
C GLY D 157 9.03 -2.93 -30.29
N SER D 158 8.93 -1.62 -30.20
CA SER D 158 8.46 -0.98 -29.01
C SER D 158 7.58 0.26 -29.23
N ILE D 159 6.55 0.31 -28.40
CA ILE D 159 5.61 1.44 -28.26
C ILE D 159 5.81 2.08 -26.91
N VAL D 160 6.22 3.35 -26.93
CA VAL D 160 6.31 4.15 -25.72
C VAL D 160 5.12 5.12 -25.66
N VAL D 161 4.43 5.17 -24.53
CA VAL D 161 3.38 6.17 -24.34
C VAL D 161 3.72 7.12 -23.22
N VAL D 162 3.80 8.40 -23.55
CA VAL D 162 4.05 9.41 -22.56
C VAL D 162 2.74 9.82 -21.81
N SER D 163 2.84 9.89 -20.48
CA SER D 163 1.72 10.23 -19.61
C SER D 163 2.13 11.11 -18.43
N SER D 164 1.20 11.31 -17.49
CA SER D 164 1.45 12.22 -16.40
C SER D 164 1.00 11.62 -15.08
N LEU D 165 1.41 12.25 -13.99
CA LEU D 165 0.74 12.06 -12.72
C LEU D 165 -0.78 12.19 -12.85
N ALA D 166 -1.23 13.17 -13.63
CA ALA D 166 -2.65 13.29 -13.91
C ALA D 166 -3.25 12.11 -14.63
N GLY D 167 -2.45 11.11 -14.99
CA GLY D 167 -2.96 9.84 -15.55
C GLY D 167 -3.02 8.71 -14.56
N LYS D 168 -2.49 8.98 -13.37
CA LYS D 168 -2.43 7.96 -12.33
C LYS D 168 -3.40 8.30 -11.21
N VAL D 169 -3.47 9.60 -10.94
CA VAL D 169 -4.22 10.10 -9.84
C VAL D 169 -5.04 11.32 -10.24
N ALA D 170 -6.06 11.60 -9.42
CA ALA D 170 -6.99 12.67 -9.66
C ALA D 170 -6.25 13.95 -9.55
N TYR D 171 -6.68 14.95 -10.29
CA TYR D 171 -6.05 16.20 -10.15
C TYR D 171 -7.03 17.23 -10.62
N PRO D 172 -7.35 18.20 -9.75
CA PRO D 172 -8.30 19.23 -10.11
C PRO D 172 -7.68 20.11 -11.15
N MET D 173 -8.50 20.78 -11.97
CA MET D 173 -8.01 21.89 -12.82
C MET D 173 -7.65 21.44 -14.24
N VAL D 174 -7.78 20.14 -14.50
CA VAL D 174 -7.09 19.53 -15.62
C VAL D 174 -7.77 18.17 -15.90
N ALA D 175 -9.09 18.23 -16.09
CA ALA D 175 -9.96 17.04 -16.07
C ALA D 175 -10.08 16.30 -17.41
N ALA D 176 -10.25 17.06 -18.49
CA ALA D 176 -10.22 16.52 -19.84
C ALA D 176 -8.82 15.91 -20.13
N TYR D 177 -7.77 16.62 -19.77
CA TYR D 177 -6.45 16.05 -19.91
C TYR D 177 -6.35 14.71 -19.18
N SER D 178 -6.93 14.65 -17.99
CA SER D 178 -6.79 13.53 -17.11
C SER D 178 -7.56 12.30 -17.56
N ALA D 179 -8.76 12.48 -18.10
CA ALA D 179 -9.50 11.30 -18.62
C ALA D 179 -8.77 10.72 -19.81
N SER D 180 -8.06 11.59 -20.52
CA SER D 180 -7.31 11.12 -21.67
C SER D 180 -6.06 10.28 -21.30
N LYS D 181 -5.19 10.86 -20.48
CA LYS D 181 -4.13 10.07 -19.78
C LYS D 181 -4.65 8.81 -19.09
N PHE D 182 -5.70 8.93 -18.29
CA PHE D 182 -6.25 7.74 -17.69
C PHE D 182 -6.62 6.74 -18.76
N ALA D 183 -7.12 7.21 -19.89
CA ALA D 183 -7.55 6.29 -20.91
C ALA D 183 -6.34 5.55 -21.49
N LEU D 184 -5.27 6.31 -21.78
CA LEU D 184 -3.96 5.71 -22.25
C LEU D 184 -3.63 4.50 -21.39
N ASP D 185 -3.48 4.77 -20.09
CA ASP D 185 -3.25 3.68 -19.17
C ASP D 185 -4.19 2.48 -19.38
N GLY D 186 -5.50 2.68 -19.25
CA GLY D 186 -6.41 1.55 -19.30
C GLY D 186 -6.34 0.69 -20.55
N PHE D 187 -6.36 1.35 -21.71
CA PHE D 187 -6.24 0.75 -23.01
C PHE D 187 -4.86 0.10 -23.29
N PHE D 188 -3.78 0.84 -23.09
CA PHE D 188 -2.44 0.28 -23.39
C PHE D 188 -2.04 -0.85 -22.46
N SER D 189 -2.32 -0.67 -21.17
CA SER D 189 -2.16 -1.71 -20.17
C SER D 189 -2.92 -2.98 -20.50
N SER D 190 -4.19 -2.89 -20.85
CA SER D 190 -4.94 -4.09 -21.18
C SER D 190 -4.37 -4.70 -22.45
N ILE D 191 -3.87 -3.85 -23.34
CA ILE D 191 -3.27 -4.37 -24.57
C ILE D 191 -1.90 -5.04 -24.39
N ARG D 192 -1.08 -4.51 -23.50
CA ARG D 192 0.14 -5.17 -23.08
C ARG D 192 -0.13 -6.64 -22.74
N LYS D 193 -1.19 -6.87 -21.96
CA LYS D 193 -1.50 -8.21 -21.47
C LYS D 193 -1.99 -9.11 -22.59
N GLU D 194 -2.66 -8.54 -23.61
CA GLU D 194 -3.15 -9.37 -24.71
C GLU D 194 -1.93 -9.82 -25.52
N TYR D 195 -0.92 -8.98 -25.59
CA TYR D 195 0.33 -9.31 -26.27
C TYR D 195 1.11 -10.33 -25.43
N SER D 196 1.23 -10.04 -24.13
CA SER D 196 1.79 -10.98 -23.15
C SER D 196 1.39 -12.44 -23.41
N VAL D 197 0.10 -12.72 -23.69
CA VAL D 197 -0.37 -14.10 -23.97
C VAL D 197 -0.43 -14.51 -25.46
N SER D 198 -0.75 -13.59 -26.36
CA SER D 198 -0.90 -13.94 -27.78
C SER D 198 0.47 -14.14 -28.40
N ARG D 199 1.48 -13.90 -27.56
CA ARG D 199 2.90 -13.87 -27.97
C ARG D 199 3.14 -12.90 -29.13
N VAL D 200 2.72 -11.65 -28.94
CA VAL D 200 3.05 -10.58 -29.88
C VAL D 200 4.15 -9.83 -29.17
N ASN D 201 5.34 -9.87 -29.75
CA ASN D 201 6.54 -9.51 -28.99
C ASN D 201 6.91 -8.04 -29.18
N VAL D 202 5.90 -7.19 -29.04
CA VAL D 202 6.07 -5.77 -29.11
C VAL D 202 5.92 -5.25 -27.71
N SER D 203 6.84 -4.40 -27.30
CA SER D 203 6.86 -3.89 -25.98
C SER D 203 5.95 -2.65 -25.82
N ILE D 204 5.38 -2.52 -24.62
CA ILE D 204 4.53 -1.36 -24.27
C ILE D 204 4.97 -0.64 -23.00
N THR D 205 5.46 0.59 -23.18
CA THR D 205 6.02 1.37 -22.06
C THR D 205 5.19 2.62 -21.73
N LEU D 206 4.70 2.75 -20.50
CA LEU D 206 4.01 3.98 -20.06
C LEU D 206 4.78 4.95 -19.16
N CYS D 207 5.24 6.06 -19.70
CA CYS D 207 5.94 7.05 -18.88
C CYS D 207 4.98 7.93 -18.06
N VAL D 208 5.10 7.87 -16.76
CA VAL D 208 4.30 8.67 -15.91
C VAL D 208 5.22 9.77 -15.53
N LEU D 209 4.89 10.98 -15.94
CA LEU D 209 5.80 12.10 -15.76
C LEU D 209 5.22 13.16 -14.86
N GLY D 210 5.93 13.45 -13.78
CA GLY D 210 5.58 14.60 -12.97
C GLY D 210 5.87 15.84 -13.77
N LEU D 211 5.77 16.99 -13.12
CA LEU D 211 6.06 18.27 -13.78
C LEU D 211 7.49 18.33 -14.33
N ILE D 212 7.60 18.87 -15.55
CA ILE D 212 8.86 18.99 -16.28
C ILE D 212 9.00 20.44 -16.72
N ASP D 213 10.22 20.91 -16.98
CA ASP D 213 10.45 22.34 -17.23
C ASP D 213 10.34 22.74 -18.69
N THR D 214 9.12 22.66 -19.24
CA THR D 214 8.93 23.04 -20.64
C THR D 214 8.28 24.40 -20.85
N GLU D 215 8.61 24.98 -21.99
CA GLU D 215 8.06 26.22 -22.45
C GLU D 215 6.54 26.22 -22.19
N THR D 216 5.82 25.23 -22.72
CA THR D 216 4.36 25.08 -22.47
C THR D 216 3.98 24.95 -20.98
N ALA D 217 4.65 24.03 -20.29
CA ALA D 217 4.28 23.64 -18.93
C ALA D 217 4.40 24.81 -17.98
N MET D 218 5.52 25.50 -18.06
CA MET D 218 5.85 26.51 -17.08
C MET D 218 4.81 27.62 -17.16
N LYS D 219 4.55 28.14 -18.35
CA LYS D 219 3.58 29.22 -18.51
C LYS D 219 2.21 28.80 -17.96
N ALA D 220 1.70 27.65 -18.41
CA ALA D 220 0.35 27.20 -18.04
C ALA D 220 0.12 26.99 -16.54
N VAL D 221 1.18 27.11 -15.74
CA VAL D 221 1.07 26.85 -14.29
C VAL D 221 1.51 28.00 -13.37
N SER D 222 1.49 29.24 -13.88
CA SER D 222 1.82 30.43 -13.07
C SER D 222 1.23 30.36 -11.63
N GLY D 223 -0.09 30.26 -11.54
CA GLY D 223 -0.77 29.95 -10.27
C GLY D 223 -0.92 28.45 -10.06
N ILE D 224 -0.02 27.87 -9.27
CA ILE D 224 0.01 26.44 -8.94
C ILE D 224 1.06 26.24 -7.84
N VAL D 225 0.90 25.19 -7.04
CA VAL D 225 1.88 24.84 -5.98
C VAL D 225 3.36 24.87 -6.51
N HIS D 226 4.30 25.29 -5.64
CA HIS D 226 5.67 25.72 -6.06
C HIS D 226 6.54 24.63 -6.72
N MET D 227 5.95 23.45 -6.85
CA MET D 227 6.63 22.23 -7.29
C MET D 227 7.71 22.47 -8.35
N GLN D 228 8.92 22.01 -8.04
CA GLN D 228 10.07 22.08 -8.94
C GLN D 228 9.91 21.26 -10.22
N ALA D 229 10.13 21.92 -11.35
CA ALA D 229 10.10 21.30 -12.67
C ALA D 229 11.43 20.61 -12.95
N ALA D 230 11.39 19.27 -12.97
CA ALA D 230 12.52 18.45 -13.39
C ALA D 230 12.95 18.88 -14.80
N PRO D 231 14.24 18.65 -15.15
CA PRO D 231 14.70 19.10 -16.48
C PRO D 231 14.18 18.27 -17.68
N LYS D 232 13.86 18.95 -18.78
CA LYS D 232 13.31 18.32 -19.98
C LYS D 232 14.28 17.35 -20.67
N GLU D 233 15.55 17.70 -20.60
CA GLU D 233 16.64 16.98 -21.27
C GLU D 233 16.78 15.58 -20.72
N GLU D 234 16.84 15.49 -19.41
CA GLU D 234 17.04 14.21 -18.72
C GLU D 234 15.75 13.38 -18.74
N CYS D 235 14.63 14.07 -18.53
CA CYS D 235 13.29 13.53 -18.71
C CYS D 235 13.20 12.70 -19.99
N ALA D 236 13.59 13.33 -21.10
CA ALA D 236 13.53 12.73 -22.43
C ALA D 236 14.35 11.47 -22.54
N LEU D 237 15.53 11.49 -21.90
CA LEU D 237 16.42 10.34 -21.82
C LEU D 237 15.72 9.25 -21.07
N GLU D 238 15.21 9.62 -19.90
CA GLU D 238 14.50 8.63 -19.11
C GLU D 238 13.41 7.88 -19.91
N ILE D 239 12.76 8.59 -20.84
CA ILE D 239 11.66 7.99 -21.60
C ILE D 239 12.25 6.96 -22.57
N ILE D 240 13.15 7.45 -23.42
CA ILE D 240 14.06 6.65 -24.25
C ILE D 240 14.69 5.43 -23.54
N LYS D 241 15.30 5.60 -22.36
CA LYS D 241 15.89 4.46 -21.61
C LYS D 241 14.81 3.45 -21.35
N GLY D 242 13.78 3.92 -20.63
CA GLY D 242 12.58 3.14 -20.34
C GLY D 242 12.10 2.37 -21.56
N GLY D 243 11.93 3.09 -22.65
CA GLY D 243 11.61 2.46 -23.91
C GLY D 243 12.57 1.36 -24.31
N ALA D 244 13.86 1.70 -24.36
CA ALA D 244 14.95 0.78 -24.75
C ALA D 244 15.01 -0.50 -23.89
N LEU D 245 14.79 -0.35 -22.59
CA LEU D 245 14.85 -1.48 -21.68
C LEU D 245 13.57 -2.30 -21.66
N ARG D 246 12.60 -1.95 -22.50
CA ARG D 246 11.32 -2.69 -22.52
C ARG D 246 10.59 -2.64 -21.14
N GLN D 247 10.82 -1.56 -20.40
CA GLN D 247 10.20 -1.37 -19.10
C GLN D 247 8.67 -1.14 -19.19
N GLU D 248 7.91 -1.74 -18.27
CA GLU D 248 6.45 -1.57 -18.29
C GLU D 248 6.02 -0.15 -17.97
N GLU D 249 6.41 0.34 -16.81
CA GLU D 249 6.10 1.71 -16.40
C GLU D 249 7.40 2.39 -16.01
N VAL D 250 7.53 3.66 -16.38
CA VAL D 250 8.69 4.47 -16.15
C VAL D 250 8.28 5.78 -15.43
N TYR D 251 8.92 6.05 -14.29
CA TYR D 251 8.54 7.17 -13.43
C TYR D 251 9.61 8.28 -13.41
N TYR D 252 9.16 9.54 -13.41
CA TYR D 252 10.09 10.65 -13.44
C TYR D 252 9.56 11.95 -12.82
N ASP D 253 10.13 12.36 -11.69
CA ASP D 253 9.95 13.74 -11.17
C ASP D 253 11.18 14.27 -10.42
N SER D 254 11.30 15.60 -10.40
CA SER D 254 12.32 16.32 -9.69
C SER D 254 12.37 15.98 -8.19
N SER D 255 11.26 15.49 -7.64
CA SER D 255 11.26 14.94 -6.29
C SER D 255 11.08 13.43 -6.29
N LEU D 256 11.72 12.77 -5.34
CA LEU D 256 11.79 11.32 -5.35
C LEU D 256 10.72 10.67 -4.45
N TRP D 257 10.11 11.47 -3.58
CA TRP D 257 8.89 11.08 -2.84
C TRP D 257 7.88 10.69 -3.89
N THR D 258 7.46 11.71 -4.63
CA THR D 258 6.65 11.60 -5.83
C THR D 258 6.84 10.24 -6.48
N THR D 259 8.06 9.95 -6.92
CA THR D 259 8.27 8.76 -7.76
C THR D 259 8.02 7.43 -7.07
N LEU D 260 8.31 7.31 -5.77
CA LEU D 260 8.09 6.01 -5.13
C LEU D 260 6.63 5.73 -4.93
N LEU D 261 5.86 6.81 -4.84
CA LEU D 261 4.45 6.70 -4.49
C LEU D 261 3.56 6.46 -5.72
N ILE D 262 4.07 6.85 -6.88
CA ILE D 262 3.37 6.65 -8.16
C ILE D 262 3.13 5.16 -8.44
N ARG D 263 4.14 4.33 -8.18
CA ARG D 263 3.98 2.89 -8.28
C ARG D 263 2.72 2.50 -7.50
N ASN D 264 2.10 1.41 -7.93
CA ASN D 264 0.91 0.92 -7.23
C ASN D 264 0.91 -0.60 -7.16
N PRO D 265 1.20 -1.14 -5.97
CA PRO D 265 1.40 -2.57 -5.76
C PRO D 265 0.07 -3.33 -5.73
N SER D 266 -0.94 -2.70 -5.12
CA SER D 266 -2.30 -3.21 -4.98
C SER D 266 -2.84 -3.66 -6.32
N ARG D 267 -2.58 -2.83 -7.33
CA ARG D 267 -2.85 -3.11 -8.72
C ARG D 267 -2.05 -4.32 -9.24
N LYS D 268 -0.71 -4.27 -9.16
CA LYS D 268 0.14 -5.40 -9.60
C LYS D 268 -0.38 -6.75 -9.12
N ILE D 269 -0.71 -6.82 -7.81
CA ILE D 269 -1.28 -8.03 -7.20
C ILE D 269 -2.61 -8.44 -7.84
N LEU D 270 -3.58 -7.52 -7.82
CA LEU D 270 -4.89 -7.73 -8.43
C LEU D 270 -4.89 -8.36 -9.85
N GLU D 271 -3.98 -7.89 -10.72
CA GLU D 271 -3.86 -8.42 -12.09
C GLU D 271 -3.24 -9.81 -12.10
N PHE D 272 -2.15 -9.96 -11.33
CA PHE D 272 -1.53 -11.26 -11.09
C PHE D 272 -2.60 -12.27 -10.67
N LEU D 273 -3.44 -11.84 -9.73
CA LEU D 273 -4.49 -12.67 -9.16
C LEU D 273 -5.41 -13.24 -10.22
N TYR D 274 -5.97 -12.38 -11.07
CA TYR D 274 -6.91 -12.82 -12.11
C TYR D 274 -6.23 -13.53 -13.28
N SER D 275 -5.86 -14.80 -13.09
CA SER D 275 -5.22 -15.60 -14.15
C SER D 275 -5.51 -17.08 -13.96
PA NAP E . -26.51 -4.41 -19.77
O1A NAP E . -27.26 -5.55 -19.19
O2A NAP E . -26.07 -4.76 -21.14
O5B NAP E . -27.39 -3.07 -19.85
C5B NAP E . -26.97 -2.08 -20.75
C4B NAP E . -27.98 -0.95 -20.74
O4B NAP E . -27.47 0.09 -21.55
C3B NAP E . -29.31 -1.38 -21.32
O3B NAP E . -30.35 -0.79 -20.57
C2B NAP E . -29.29 -0.80 -22.71
O2B NAP E . -30.57 -0.42 -23.14
C1B NAP E . -28.42 0.42 -22.52
N9A NAP E . -27.79 0.83 -23.76
C8A NAP E . -27.11 0.07 -24.68
N7A NAP E . -26.70 0.90 -25.68
C5A NAP E . -27.12 2.17 -25.40
C6A NAP E . -26.98 3.40 -26.06
N6A NAP E . -26.32 3.47 -27.23
N1A NAP E . -27.53 4.54 -25.48
C2A NAP E . -28.20 4.48 -24.29
N3A NAP E . -28.34 3.27 -23.65
C4A NAP E . -27.79 2.14 -24.19
O3 NAP E . -25.38 -3.89 -18.74
PN NAP E . -25.19 -4.01 -17.14
O1N NAP E . -26.36 -3.55 -16.37
O2N NAP E . -24.58 -5.33 -16.84
O5D NAP E . -24.07 -2.90 -16.88
C5D NAP E . -24.43 -1.60 -16.47
C4D NAP E . -23.17 -1.00 -15.90
O4D NAP E . -22.59 -1.97 -15.06
C3D NAP E . -22.13 -0.68 -16.97
O3D NAP E . -21.46 0.53 -16.67
C2D NAP E . -21.12 -1.81 -16.85
O2D NAP E . -19.85 -1.37 -17.23
C1D NAP E . -21.20 -2.06 -15.37
N1N NAP E . -20.64 -3.35 -14.98
C2N NAP E . -21.40 -4.47 -15.06
C3N NAP E . -20.86 -5.70 -14.68
C7N NAP E . -21.51 -6.91 -15.21
O7N NAP E . -20.77 -8.11 -15.11
N7N NAP E . -22.74 -6.82 -15.74
C4N NAP E . -19.54 -5.77 -14.24
C5N NAP E . -18.76 -4.62 -14.18
C6N NAP E . -19.34 -3.40 -14.55
P2B NAP E . -30.99 -0.53 -24.68
O1X NAP E . -32.50 -0.49 -24.65
O2X NAP E . -30.44 0.67 -25.41
O3X NAP E . -30.52 -1.81 -25.35
C4 3OQ F . -13.57 -10.53 -13.90
C5 3OQ F . -13.20 -11.80 -13.40
C7 3OQ F . -13.19 -10.07 -15.17
C8 3OQ F . -13.59 -8.79 -15.59
C10 3OQ F . -13.97 -8.88 -18.11
C15 3OQ F . -16.19 -6.54 -16.25
C17 3OQ F . -17.06 -5.79 -18.38
C21 3OQ F . -19.51 -5.11 -19.70
C22 3OQ F . -18.88 -7.43 -20.47
C26 3OQ F . -18.31 -7.36 -17.03
F23 3OQ F . -19.94 -7.55 -21.29
F24 3OQ F . -18.46 -8.58 -19.98
F25 3OQ F . -17.87 -6.94 -21.15
C19 3OQ F . -19.26 -6.57 -19.27
O20 3OQ F . -20.44 -7.12 -18.69
C18 3OQ F . -18.18 -6.59 -18.19
C27 3OQ F . -17.32 -7.34 -16.05
C16 3OQ F . -16.08 -5.79 -17.40
S12 3OQ F . -14.92 -6.45 -15.11
O13 3OQ F . -13.78 -5.64 -15.62
O14 3OQ F . -15.42 -5.76 -13.86
C1 3OQ F . -14.36 -8.02 -14.70
C2 3OQ F . -14.74 -8.50 -13.45
C3 3OQ F . -14.34 -9.75 -13.04
N6 3OQ F . -12.95 -12.80 -12.93
C9 3OQ F . -13.14 -8.28 -16.98
F11 3OQ F . -13.30 -9.97 -18.66
PA NAP G . 10.04 11.00 28.51
O1A NAP G . 9.70 12.43 28.70
O2A NAP G . 11.48 10.71 28.73
O5B NAP G . 9.13 10.08 29.50
C5B NAP G . 9.79 9.46 30.57
C4B NAP G . 8.81 8.99 31.62
O4B NAP G . 8.98 7.60 31.96
C3B NAP G . 9.10 9.77 32.89
O3B NAP G . 7.91 9.88 33.68
C2B NAP G . 10.06 8.83 33.58
O2B NAP G . 9.93 9.05 34.95
C1B NAP G . 9.45 7.48 33.29
N9A NAP G . 10.43 6.43 33.47
C8A NAP G . 11.69 6.34 32.93
N7A NAP G . 12.26 5.19 33.40
C5A NAP G . 11.37 4.52 34.19
C6A NAP G . 11.38 3.32 34.93
N6A NAP G . 12.41 2.49 34.95
N1A NAP G . 10.28 2.94 35.67
C2A NAP G . 9.15 3.72 35.69
N3A NAP G . 9.17 4.90 34.98
C4A NAP G . 10.23 5.31 34.24
O3 NAP G . 9.64 10.60 27.04
PN NAP G . 8.37 10.96 26.14
O1N NAP G . 7.30 11.57 26.98
O2N NAP G . 8.90 11.60 24.91
O5D NAP G . 7.91 9.45 25.75
C5D NAP G . 6.79 8.81 26.30
C4D NAP G . 6.33 7.80 25.28
O4D NAP G . 6.21 8.38 23.97
C3D NAP G . 7.30 6.65 25.15
O3D NAP G . 6.51 5.49 25.01
C2D NAP G . 8.01 6.94 23.84
O2D NAP G . 8.48 5.78 23.22
C1D NAP G . 6.88 7.56 23.04
N1N NAP G . 7.40 8.30 21.87
C2N NAP G . 7.94 9.56 22.00
C3N NAP G . 8.41 10.23 20.89
C7N NAP G . 9.04 11.59 21.01
O7N NAP G . 9.73 12.09 19.89
N7N NAP G . 8.94 12.29 22.15
C4N NAP G . 8.34 9.63 19.62
C5N NAP G . 7.79 8.34 19.49
C6N NAP G . 7.33 7.68 20.63
P2B NAP G . 11.14 8.83 35.93
O1X NAP G . 11.06 10.03 36.85
O2X NAP G . 10.89 7.56 36.66
O3X NAP G . 12.45 8.78 35.21
C4 3OQ H . 12.85 10.23 13.54
C5 3OQ H . 13.49 10.96 12.50
C7 3OQ H . 13.59 9.32 14.27
C8 3OQ H . 13.00 8.58 15.29
C10 3OQ H . 14.72 8.33 17.14
C15 3OQ H . 11.53 8.23 18.29
C17 3OQ H . 12.77 7.38 20.17
C21 3OQ H . 13.03 7.85 23.11
C22 3OQ H . 14.97 9.00 21.92
C26 3OQ H . 12.16 9.73 20.07
F23 3OQ H . 15.54 9.13 23.09
F24 3OQ H . 15.22 10.10 21.23
F25 3OQ H . 15.53 7.91 21.36
C19 3OQ H . 13.45 8.90 22.07
O20 3OQ H . 12.95 10.14 22.46
C18 3OQ H . 12.79 8.66 20.72
C27 3OQ H . 11.53 9.51 18.84
C16 3OQ H . 12.15 7.17 18.95
S12 3OQ H . 10.76 7.93 16.77
O13 3OQ H . 10.67 6.46 16.46
O14 3OQ H . 9.34 8.43 16.78
C1 3OQ H . 11.64 8.79 15.54
C2 3OQ H . 10.91 9.70 14.80
C3 3OQ H . 11.51 10.43 13.79
N6 3OQ H . 14.03 11.53 11.68
C9 3OQ H . 13.94 7.62 16.00
F11 3OQ H . 15.67 9.19 16.63
C4 3OQ I . -1.16 -19.49 10.08
C5 3OQ I . -2.52 -19.72 9.69
C7 3OQ I . -0.92 -19.06 11.39
C8 3OQ I . 0.38 -18.82 11.82
C10 3OQ I . -0.37 -19.08 14.23
C15 3OQ I . 3.51 -19.82 12.73
C17 3OQ I . 3.78 -20.47 15.06
C21 3OQ I . 6.18 -22.62 16.00
C22 3OQ I . 3.88 -22.93 16.92
C26 3OQ I . 4.35 -22.00 13.32
F23 3OQ I . 4.55 -23.75 17.75
F24 3OQ I . 2.73 -23.45 16.60
F25 3OQ I . 3.65 -21.73 17.45
C19 3OQ I . 4.70 -22.82 15.65
O20 3OQ I . 4.53 -24.03 14.97
C18 3OQ I . 4.25 -21.72 14.68
C27 3OQ I . 3.98 -21.08 12.35
C16 3OQ I . 3.40 -19.54 14.09
S12 3OQ I . 3.07 -18.69 11.45
O13 3OQ I . 3.19 -17.28 11.92
O14 3OQ I . 4.00 -18.80 10.30
C1 3OQ I . 1.44 -19.00 10.93
C2 3OQ I . 1.20 -19.43 9.61
C3 3OQ I . -0.09 -19.69 9.18
N6 3OQ I . -3.60 -19.91 9.34
C9 3OQ I . 0.53 -18.35 13.26
F11 3OQ I . 0.13 -20.35 14.44
PA NAP J . 11.26 -27.31 15.74
O1A NAP J . 11.18 -28.37 14.70
O2A NAP J . 10.36 -27.63 16.90
O5B NAP J . 12.75 -27.11 16.26
C5B NAP J . 12.94 -26.23 17.36
C4B NAP J . 14.39 -26.40 17.76
O4B NAP J . 14.78 -25.47 18.76
C3B NAP J . 14.59 -27.83 18.29
O3B NAP J . 15.64 -28.45 17.58
C2B NAP J . 14.90 -27.61 19.75
O2B NAP J . 15.89 -28.47 20.24
C1B NAP J . 15.38 -26.17 19.81
N9A NAP J . 15.09 -25.64 21.13
C8A NAP J . 13.93 -25.73 21.86
N7A NAP J . 14.13 -25.17 23.07
C5A NAP J . 15.40 -24.72 23.11
C6A NAP J . 16.15 -24.07 24.09
N6A NAP J . 15.58 -23.76 25.26
N1A NAP J . 17.48 -23.77 23.86
C2A NAP J . 18.06 -24.10 22.64
N3A NAP J . 17.33 -24.74 21.67
C4A NAP J . 16.02 -25.04 21.91
O3 NAP J . 11.01 -25.88 15.08
PN NAP J . 10.61 -25.46 13.61
O1N NAP J . 11.53 -26.19 12.69
O2N NAP J . 9.13 -25.57 13.49
O5D NAP J . 10.92 -23.85 13.57
C5D NAP J . 12.20 -23.29 13.42
C4D NAP J . 12.07 -21.79 13.19
O4D NAP J . 11.14 -21.53 12.17
C3D NAP J . 11.58 -20.98 14.38
O3D NAP J . 12.32 -19.79 14.37
C2D NAP J . 10.12 -20.71 14.07
O2D NAP J . 9.64 -19.53 14.66
C1D NAP J . 10.13 -20.64 12.57
N1N NAP J . 8.86 -21.03 11.91
C2N NAP J . 8.32 -22.31 11.98
C3N NAP J . 7.11 -22.59 11.32
C7N NAP J . 6.53 -23.98 11.18
O7N NAP J . 5.18 -24.11 10.76
N7N NAP J . 7.27 -25.07 11.43
C4N NAP J . 6.49 -21.58 10.60
C5N NAP J . 7.03 -20.31 10.54
C6N NAP J . 8.23 -20.04 11.20
P2B NAP J . 15.77 -29.09 21.73
O1X NAP J . 16.40 -30.45 21.63
O2X NAP J . 16.56 -28.29 22.76
O3X NAP J . 14.30 -29.27 22.14
C4 3OQ K . 2.26 18.16 -10.29
C5 3OQ K . 2.77 18.52 -9.01
C7 3OQ K . 1.04 18.63 -10.80
C8 3OQ K . 0.61 18.23 -12.07
C10 3OQ K . -0.88 20.24 -12.72
C15 3OQ K . 0.99 17.88 -15.56
C17 3OQ K . -0.17 18.72 -17.46
C21 3OQ K . 0.64 19.80 -20.16
C22 3OQ K . -0.37 21.67 -18.79
C26 3OQ K . 1.95 19.68 -16.84
F23 3OQ K . -0.83 21.85 -20.02
F24 3OQ K . 0.12 22.83 -18.40
F25 3OQ K . -1.34 21.28 -17.95
C19 3OQ K . 0.77 20.63 -18.88
O20 3OQ K . 2.02 21.34 -18.90
C18 3OQ K . 0.84 19.66 -17.69
C27 3OQ K . 2.03 18.79 -15.77
C16 3OQ K . -0.09 17.82 -16.40
S12 3OQ K . 1.09 16.77 -14.28
O13 3OQ K . -0.14 15.91 -14.12
O14 3OQ K . 2.24 15.88 -14.66
C1 3OQ K . 1.46 17.38 -12.78
C2 3OQ K . 2.65 16.91 -12.27
C3 3OQ K . 3.07 17.31 -11.02
N6 3OQ K . 3.22 18.78 -8.00
C9 3OQ K . -0.75 18.73 -12.63
F11 3OQ K . 0.27 20.80 -13.22
PA NAP L . 4.57 20.67 -25.38
O1A NAP L . 5.94 21.13 -25.13
O2A NAP L . 3.50 21.71 -25.38
O5B NAP L . 4.48 19.98 -26.85
C5B NAP L . 3.36 19.23 -27.26
C4B NAP L . 3.67 18.85 -28.68
O4B NAP L . 2.53 18.36 -29.35
C3B NAP L . 4.11 20.12 -29.38
O3B NAP L . 5.32 19.91 -30.07
C2B NAP L . 3.04 20.40 -30.41
O2B NAP L . 3.74 20.98 -31.50
C1B NAP L . 2.39 19.02 -30.60
N9A NAP L . 0.98 19.18 -30.90
C8A NAP L . 0.09 20.06 -30.32
N7A NAP L . -1.13 19.92 -30.91
C5A NAP L . -1.08 18.97 -31.85
C6A NAP L . -2.01 18.45 -32.74
N6A NAP L . -3.27 18.81 -32.81
N1A NAP L . -1.59 17.46 -33.59
C2A NAP L . -0.28 17.03 -33.58
N3A NAP L . 0.62 17.52 -32.69
C4A NAP L . 0.26 18.49 -31.86
O3 NAP L . 4.31 19.50 -24.30
PN NAP L . 5.42 18.92 -23.31
O1N NAP L . 6.68 18.96 -24.07
O2N NAP L . 5.36 19.62 -22.01
O5D NAP L . 4.99 17.39 -22.97
C5D NAP L . 4.56 16.54 -24.01
C4D NAP L . 4.17 15.22 -23.39
O4D NAP L . 4.63 15.10 -22.05
C3D NAP L . 2.69 15.10 -23.32
O3D NAP L . 2.34 13.76 -23.50
C2D NAP L . 2.40 15.47 -21.87
O2D NAP L . 1.10 15.00 -21.58
C1D NAP L . 3.59 14.82 -21.14
N1N NAP L . 3.91 15.48 -19.85
C2N NAP L . 4.55 16.71 -19.84
C3N NAP L . 4.86 17.41 -18.65
C7N NAP L . 5.49 18.81 -18.64
O7N NAP L . 5.67 19.45 -17.41
N7N NAP L . 5.88 19.49 -19.75
C4N NAP L . 4.50 16.79 -17.47
C5N NAP L . 3.84 15.53 -17.47
C6N NAP L . 3.56 14.88 -18.67
P2B NAP L . 3.01 21.81 -32.67
O1X NAP L . 3.91 22.02 -33.84
O2X NAP L . 1.88 20.90 -33.11
O3X NAP L . 2.58 23.18 -32.18
#